data_7FTB
#
_entry.id   7FTB
#
_cell.length_a   80.113
_cell.length_b   49.595
_cell.length_c   116.129
_cell.angle_alpha   90.000
_cell.angle_beta   94.510
_cell.angle_gamma   90.000
#
_symmetry.space_group_name_H-M   'P 1 21 1'
#
loop_
_entity.id
_entity.type
_entity.pdbx_description
1 polymer Syntenin-1
2 non-polymer 1,2-ETHANEDIOL
3 non-polymer [1]benzofuro[2,3-d]pyridazin-4(3H)-one
4 non-polymer 'D-GLUTAMIC ACID'
5 non-polymer GLYCINE
6 non-polymer 'SULFATE ION'
7 water water
#
_entity_poly.entity_id   1
_entity_poly.type   'polypeptide(L)'
_entity_poly.pdbx_seq_one_letter_code
;SMAEIKQGIREVILCKDQDGKIGLRLKSIDNGIFVQLVQANSPASLVGLRFGDQVLQINGENCAGWSSDKAHKVLKQAFG
EKITMTIRDRPFERTITMHKDSTGHVGFIFKNGKITSIVKDSSAARNGLLTEHNICEINGQNVIGLKDSQIADILSTSGT
VVTITIMPAFIFEHIIKRMAPSIMKSLMDHTIPEV
;
_entity_poly.pdbx_strand_id   A,B,C,D
#
loop_
_chem_comp.id
_chem_comp.type
_chem_comp.name
_chem_comp.formula
EDO non-polymer 1,2-ETHANEDIOL 'C2 H6 O2'
SO4 non-polymer 'SULFATE ION' 'O4 S -2'
YEZ non-polymer [1]benzofuro[2,3-d]pyridazin-4(3H)-one 'C10 H6 N2 O2'
#
# COMPACT_ATOMS: atom_id res chain seq x y z
N ILE A 5 -25.46 10.06 -6.98
CA ILE A 5 -24.55 8.87 -6.89
C ILE A 5 -25.32 7.65 -7.42
N LYS A 6 -24.99 7.25 -8.66
CA LYS A 6 -25.65 6.16 -9.37
C LYS A 6 -25.20 4.82 -8.82
N GLN A 7 -26.12 3.84 -8.79
CA GLN A 7 -25.86 2.53 -8.20
C GLN A 7 -25.39 1.57 -9.29
N GLY A 8 -24.45 2.04 -10.11
CA GLY A 8 -23.94 1.23 -11.19
C GLY A 8 -22.61 1.70 -11.75
N ILE A 9 -22.12 0.85 -12.64
CA ILE A 9 -20.97 1.08 -13.48
C ILE A 9 -21.43 1.80 -14.73
N ARG A 10 -20.55 2.61 -15.33
CA ARG A 10 -20.81 3.17 -16.66
C ARG A 10 -19.47 3.16 -17.39
N GLU A 11 -19.54 3.31 -18.72
CA GLU A 11 -18.35 3.27 -19.55
C GLU A 11 -18.20 4.66 -20.17
N VAL A 12 -16.96 5.14 -20.25
CA VAL A 12 -16.72 6.39 -20.95
C VAL A 12 -15.57 6.18 -21.95
N ILE A 13 -15.71 6.84 -23.10
CA ILE A 13 -14.67 6.85 -24.12
C ILE A 13 -13.99 8.20 -24.04
N LEU A 14 -12.67 8.22 -23.87
CA LEU A 14 -11.94 9.48 -23.81
C LEU A 14 -11.12 9.63 -25.06
N CYS A 15 -10.51 10.81 -25.20
CA CYS A 15 -9.74 11.18 -26.37
C CYS A 15 -8.78 12.31 -26.00
N LYS A 16 -7.47 12.02 -26.00
CA LYS A 16 -6.46 12.98 -25.59
C LYS A 16 -6.59 14.26 -26.39
N ASP A 17 -6.42 15.41 -25.73
CA ASP A 17 -6.51 16.71 -26.38
C ASP A 17 -5.30 16.93 -27.30
N GLN A 18 -5.25 18.13 -27.91
CA GLN A 18 -4.14 18.57 -28.73
C GLN A 18 -2.81 18.17 -28.10
N ASP A 19 -2.70 18.35 -26.77
CA ASP A 19 -1.42 18.31 -26.10
C ASP A 19 -1.16 16.92 -25.50
N GLY A 20 -2.11 16.01 -25.62
CA GLY A 20 -1.93 14.65 -25.13
C GLY A 20 -2.33 14.51 -23.66
N LYS A 21 -3.07 15.51 -23.16
CA LYS A 21 -3.61 15.54 -21.82
C LYS A 21 -5.02 14.95 -21.86
N ILE A 22 -5.51 14.44 -20.72
CA ILE A 22 -6.93 14.14 -20.58
C ILE A 22 -7.52 14.94 -19.43
N GLY A 23 -6.65 15.52 -18.59
CA GLY A 23 -7.07 16.43 -17.54
C GLY A 23 -7.50 15.69 -16.28
N LEU A 24 -6.67 14.73 -15.88
CA LEU A 24 -7.06 13.80 -14.84
C LEU A 24 -5.85 13.49 -13.97
N ARG A 25 -6.06 13.41 -12.66
CA ARG A 25 -5.10 12.84 -11.73
C ARG A 25 -5.86 11.79 -10.92
N LEU A 26 -5.19 10.65 -10.67
CA LEU A 26 -5.80 9.49 -10.02
C LEU A 26 -5.06 9.23 -8.72
N LYS A 27 -5.76 8.75 -7.68
CA LYS A 27 -5.17 8.41 -6.39
C LYS A 27 -5.58 6.99 -5.99
N SER A 28 -4.61 6.22 -5.48
CA SER A 28 -4.83 4.84 -5.04
C SER A 28 -5.41 4.85 -3.63
N ILE A 29 -6.62 4.30 -3.48
CA ILE A 29 -7.30 4.22 -2.18
C ILE A 29 -7.80 2.79 -2.00
N ASP A 30 -7.44 2.17 -0.86
CA ASP A 30 -7.93 0.84 -0.49
C ASP A 30 -7.95 -0.08 -1.70
N ASN A 31 -6.87 -0.10 -2.51
CA ASN A 31 -6.62 -1.04 -3.59
C ASN A 31 -7.56 -0.84 -4.78
N GLY A 32 -8.22 0.32 -4.81
CA GLY A 32 -8.85 0.79 -6.02
C GLY A 32 -8.13 2.02 -6.55
N ILE A 33 -8.77 2.69 -7.49
CA ILE A 33 -8.21 3.91 -8.04
C ILE A 33 -9.34 4.91 -8.16
N PHE A 34 -9.07 6.12 -7.68
CA PHE A 34 -10.12 7.12 -7.59
C PHE A 34 -9.63 8.44 -8.18
N VAL A 35 -10.60 9.24 -8.64
CA VAL A 35 -10.30 10.51 -9.27
C VAL A 35 -9.96 11.52 -8.19
N GLN A 36 -8.71 12.02 -8.22
CA GLN A 36 -8.23 13.04 -7.31
C GLN A 36 -8.59 14.41 -7.85
N LEU A 37 -8.55 14.57 -9.18
CA LEU A 37 -8.72 15.89 -9.77
C LEU A 37 -9.14 15.81 -11.24
N VAL A 38 -10.20 16.55 -11.58
CA VAL A 38 -10.61 16.74 -12.96
C VAL A 38 -10.30 18.18 -13.36
N GLN A 39 -9.54 18.34 -14.45
CA GLN A 39 -9.15 19.64 -14.95
C GLN A 39 -10.30 20.24 -15.78
N ALA A 40 -10.53 21.54 -15.64
CA ALA A 40 -11.54 22.21 -16.47
C ALA A 40 -11.06 22.18 -17.91
N ASN A 41 -12.01 22.01 -18.85
CA ASN A 41 -11.78 22.12 -20.28
C ASN A 41 -10.87 20.99 -20.74
N SER A 42 -11.14 19.79 -20.19
CA SER A 42 -10.36 18.62 -20.50
C SER A 42 -11.28 17.56 -21.08
N PRO A 43 -10.74 16.51 -21.74
CA PRO A 43 -11.58 15.39 -22.16
C PRO A 43 -12.33 14.77 -20.99
N ALA A 44 -11.69 14.70 -19.80
CA ALA A 44 -12.23 14.05 -18.63
C ALA A 44 -13.46 14.79 -18.09
N SER A 45 -13.38 16.12 -18.08
CA SER A 45 -14.48 17.00 -17.74
C SER A 45 -15.64 16.91 -18.75
N LEU A 46 -15.32 16.70 -20.03
CA LEU A 46 -16.34 16.69 -21.07
C LEU A 46 -17.14 15.40 -20.98
N VAL A 47 -16.43 14.29 -20.78
CA VAL A 47 -17.09 13.01 -20.74
C VAL A 47 -17.78 12.86 -19.40
N GLY A 48 -17.43 13.73 -18.44
CA GLY A 48 -18.21 13.88 -17.22
C GLY A 48 -17.71 13.00 -16.08
N LEU A 49 -16.41 12.72 -16.03
CA LEU A 49 -15.77 12.16 -14.85
C LEU A 49 -15.80 13.20 -13.73
N ARG A 50 -15.90 12.72 -12.50
CA ARG A 50 -16.12 13.57 -11.35
C ARG A 50 -15.07 13.25 -10.29
N PHE A 51 -14.70 14.25 -9.49
CA PHE A 51 -13.95 13.98 -8.28
C PHE A 51 -14.66 12.90 -7.45
N GLY A 52 -13.90 11.89 -7.02
CA GLY A 52 -14.45 10.83 -6.19
C GLY A 52 -14.87 9.60 -6.99
N ASP A 53 -14.79 9.66 -8.33
CA ASP A 53 -15.22 8.55 -9.17
C ASP A 53 -14.20 7.42 -9.06
N GLN A 54 -14.70 6.18 -9.16
CA GLN A 54 -13.83 5.01 -9.15
C GLN A 54 -13.55 4.52 -10.57
N VAL A 55 -12.27 4.31 -10.92
CA VAL A 55 -11.87 3.72 -12.19
C VAL A 55 -11.66 2.22 -11.99
N LEU A 56 -12.53 1.41 -12.60
CA LEU A 56 -12.47 -0.04 -12.46
C LEU A 56 -11.55 -0.65 -13.53
N GLN A 57 -11.73 -0.19 -14.76
CA GLN A 57 -10.90 -0.61 -15.87
C GLN A 57 -10.45 0.61 -16.66
N ILE A 58 -9.33 0.42 -17.37
CA ILE A 58 -8.83 1.33 -18.40
C ILE A 58 -8.43 0.49 -19.61
N ASN A 59 -9.22 0.60 -20.68
CA ASN A 59 -8.93 -0.11 -21.91
C ASN A 59 -9.05 -1.60 -21.67
N GLY A 60 -10.03 -1.99 -20.86
CA GLY A 60 -10.36 -3.39 -20.62
C GLY A 60 -9.62 -3.99 -19.42
N GLU A 61 -8.51 -3.37 -19.01
CA GLU A 61 -7.64 -3.93 -17.99
C GLU A 61 -8.07 -3.42 -16.60
N ASN A 62 -8.11 -4.33 -15.61
CA ASN A 62 -8.58 -4.02 -14.27
C ASN A 62 -7.57 -3.17 -13.52
N CYS A 63 -8.06 -2.27 -12.65
CA CYS A 63 -7.23 -1.29 -11.97
C CYS A 63 -6.77 -1.75 -10.59
N ALA A 64 -7.34 -2.83 -10.03
CA ALA A 64 -7.18 -3.10 -8.61
C ALA A 64 -5.72 -3.33 -8.25
N GLY A 65 -5.29 -2.75 -7.12
CA GLY A 65 -3.94 -2.92 -6.66
C GLY A 65 -2.93 -1.95 -7.28
N TRP A 66 -3.32 -1.16 -8.27
CA TRP A 66 -2.38 -0.29 -8.97
C TRP A 66 -1.90 0.84 -8.06
N SER A 67 -0.71 1.36 -8.38
CA SER A 67 -0.20 2.55 -7.74
C SER A 67 -0.66 3.76 -8.53
N SER A 68 -0.87 4.87 -7.83
CA SER A 68 -1.09 6.15 -8.48
C SER A 68 -0.14 6.30 -9.68
N ASP A 69 1.15 6.04 -9.46
CA ASP A 69 2.17 6.23 -10.50
C ASP A 69 1.87 5.37 -11.73
N LYS A 70 1.46 4.11 -11.52
CA LYS A 70 1.25 3.17 -12.61
C LYS A 70 0.00 3.51 -13.41
N ALA A 71 -1.02 4.03 -12.70
CA ALA A 71 -2.25 4.44 -13.34
C ALA A 71 -1.97 5.61 -14.28
N HIS A 72 -1.16 6.58 -13.81
CA HIS A 72 -0.68 7.68 -14.64
C HIS A 72 0.14 7.13 -15.80
N LYS A 73 1.06 6.22 -15.48
CA LYS A 73 1.91 5.61 -16.48
C LYS A 73 1.04 5.10 -17.62
N VAL A 74 0.04 4.28 -17.27
CA VAL A 74 -0.82 3.64 -18.25
C VAL A 74 -1.45 4.69 -19.15
N LEU A 75 -1.89 5.80 -18.53
CA LEU A 75 -2.65 6.78 -19.27
C LEU A 75 -1.81 7.41 -20.36
N LYS A 76 -0.53 7.63 -20.05
CA LYS A 76 0.39 8.16 -21.03
C LYS A 76 0.56 7.11 -22.12
N GLN A 77 0.96 5.90 -21.73
CA GLN A 77 1.21 4.82 -22.69
C GLN A 77 -0.10 4.23 -23.19
N ALA A 78 -0.83 4.97 -24.04
CA ALA A 78 -2.08 4.48 -24.59
C ALA A 78 -2.46 5.24 -25.86
N PHE A 79 -2.77 4.49 -26.93
CA PHE A 79 -3.04 5.06 -28.24
C PHE A 79 -4.27 5.96 -28.14
N GLY A 80 -4.02 7.26 -27.90
CA GLY A 80 -5.02 8.22 -27.49
C GLY A 80 -6.31 8.16 -28.30
N GLU A 81 -6.21 7.71 -29.57
CA GLU A 81 -7.35 7.48 -30.45
C GLU A 81 -8.65 7.48 -29.63
N LYS A 82 -8.80 6.47 -28.76
CA LYS A 82 -9.84 6.51 -27.77
C LYS A 82 -9.39 5.62 -26.60
N ILE A 83 -9.65 6.11 -25.38
CA ILE A 83 -9.37 5.36 -24.17
C ILE A 83 -10.70 5.03 -23.50
N THR A 84 -10.88 3.75 -23.17
CA THR A 84 -12.14 3.27 -22.65
C THR A 84 -11.95 3.01 -21.16
N MET A 85 -12.85 3.58 -20.35
CA MET A 85 -12.73 3.51 -18.91
C MET A 85 -14.04 2.98 -18.33
N THR A 86 -13.93 2.28 -17.19
CA THR A 86 -15.13 1.76 -16.53
C THR A 86 -15.20 2.26 -15.09
N ILE A 87 -16.32 2.92 -14.79
CA ILE A 87 -16.40 3.92 -13.73
C ILE A 87 -17.54 3.55 -12.82
N ARG A 88 -17.26 3.40 -11.51
CA ARG A 88 -18.31 3.36 -10.50
C ARG A 88 -18.48 4.77 -9.96
N ASP A 89 -19.72 5.22 -9.90
CA ASP A 89 -20.01 6.62 -9.64
C ASP A 89 -19.77 6.91 -8.16
N ARG A 90 -18.99 7.97 -7.93
CA ARG A 90 -18.58 8.49 -6.62
C ARG A 90 -18.99 7.59 -5.47
N PRO A 91 -18.29 6.46 -5.27
CA PRO A 91 -18.70 5.46 -4.30
C PRO A 91 -18.65 5.91 -2.84
N PHE A 92 -17.72 6.83 -2.52
CA PHE A 92 -17.54 7.27 -1.16
C PHE A 92 -18.45 8.44 -0.84
N GLU A 93 -19.26 8.90 -1.80
CA GLU A 93 -20.04 10.10 -1.55
C GLU A 93 -21.51 9.75 -1.54
N ARG A 94 -22.29 10.57 -0.85
CA ARG A 94 -23.74 10.51 -0.94
C ARG A 94 -24.31 11.93 -0.96
N THR A 95 -25.56 12.03 -1.43
CA THR A 95 -26.20 13.30 -1.72
C THR A 95 -27.43 13.50 -0.84
N ILE A 96 -27.47 14.64 -0.16
CA ILE A 96 -28.63 15.04 0.62
C ILE A 96 -29.35 16.15 -0.13
N THR A 97 -30.69 16.06 -0.17
CA THR A 97 -31.53 17.16 -0.64
C THR A 97 -32.05 17.93 0.58
N MET A 98 -32.16 19.25 0.43
CA MET A 98 -32.55 20.10 1.54
C MET A 98 -33.41 21.24 1.02
N HIS A 99 -34.12 21.91 1.94
CA HIS A 99 -35.00 23.00 1.55
C HIS A 99 -34.72 24.22 2.43
N LYS A 100 -34.61 25.40 1.81
CA LYS A 100 -34.32 26.60 2.55
C LYS A 100 -35.60 27.09 3.22
N ASP A 101 -35.42 27.72 4.38
CA ASP A 101 -36.53 28.27 5.15
C ASP A 101 -36.91 29.65 4.60
N SER A 102 -37.77 30.35 5.36
CA SER A 102 -38.18 31.70 5.02
C SER A 102 -36.97 32.64 5.06
N THR A 103 -36.01 32.36 5.96
CA THR A 103 -34.87 33.23 6.14
C THR A 103 -33.70 32.77 5.25
N GLY A 104 -33.97 31.88 4.30
CA GLY A 104 -32.95 31.39 3.37
C GLY A 104 -31.80 30.67 4.07
N HIS A 105 -32.14 29.65 4.87
CA HIS A 105 -31.17 28.82 5.58
C HIS A 105 -31.51 27.35 5.32
N VAL A 106 -30.48 26.49 5.33
CA VAL A 106 -30.65 25.05 5.28
C VAL A 106 -30.34 24.46 6.65
N GLY A 107 -29.41 25.07 7.36
CA GLY A 107 -29.28 24.92 8.78
C GLY A 107 -28.07 24.07 9.15
N PHE A 108 -26.87 24.55 8.78
CA PHE A 108 -25.61 24.00 9.25
C PHE A 108 -24.51 25.05 9.18
N ILE A 109 -23.35 24.68 9.73
CA ILE A 109 -22.13 25.48 9.82
C ILE A 109 -21.01 24.61 9.30
N PHE A 110 -20.13 25.19 8.48
CA PHE A 110 -19.02 24.48 7.91
C PHE A 110 -17.79 25.37 7.93
N LYS A 111 -16.62 24.75 7.77
CA LYS A 111 -15.34 25.40 7.86
C LYS A 111 -14.31 24.57 7.09
N ASN A 112 -13.68 25.20 6.08
CA ASN A 112 -12.75 24.55 5.17
C ASN A 112 -13.44 23.41 4.42
N GLY A 113 -14.65 23.68 3.94
CA GLY A 113 -15.40 22.65 3.23
C GLY A 113 -16.10 21.65 4.15
N LYS A 114 -15.63 21.55 5.41
CA LYS A 114 -16.04 20.49 6.33
C LYS A 114 -17.18 20.94 7.25
N ILE A 115 -18.21 20.10 7.38
CA ILE A 115 -19.40 20.46 8.14
C ILE A 115 -19.11 20.16 9.61
N THR A 116 -19.29 21.20 10.46
CA THR A 116 -18.82 21.15 11.85
C THR A 116 -20.00 21.20 12.81
N SER A 117 -21.20 21.57 12.34
CA SER A 117 -22.34 21.62 13.24
C SER A 117 -23.63 21.64 12.44
N ILE A 118 -24.71 21.09 13.03
CA ILE A 118 -26.06 21.06 12.47
C ILE A 118 -26.99 21.83 13.42
N VAL A 119 -27.99 22.52 12.87
CA VAL A 119 -28.82 23.43 13.66
C VAL A 119 -30.17 22.79 13.95
N LYS A 120 -30.67 22.99 15.18
CA LYS A 120 -31.86 22.31 15.64
C LYS A 120 -33.04 22.83 14.84
N ASP A 121 -33.93 21.91 14.44
CA ASP A 121 -35.15 22.20 13.70
C ASP A 121 -34.84 22.64 12.26
N SER A 122 -33.60 22.46 11.79
CA SER A 122 -33.28 22.79 10.41
C SER A 122 -33.71 21.67 9.46
N SER A 123 -33.59 21.95 8.15
CA SER A 123 -33.72 20.92 7.12
C SER A 123 -32.47 20.03 7.11
N ALA A 124 -31.32 20.63 7.44
CA ALA A 124 -30.08 19.90 7.62
C ALA A 124 -30.27 18.79 8.67
N ALA A 125 -31.09 19.09 9.69
CA ALA A 125 -31.37 18.16 10.77
C ALA A 125 -32.39 17.13 10.34
N ARG A 126 -33.52 17.58 9.76
CA ARG A 126 -34.58 16.66 9.36
C ARG A 126 -34.06 15.61 8.38
N ASN A 127 -32.99 15.93 7.62
CA ASN A 127 -32.48 15.04 6.58
C ASN A 127 -31.23 14.30 7.06
N GLY A 128 -30.71 14.66 8.24
CA GLY A 128 -29.64 13.89 8.83
C GLY A 128 -28.34 14.13 8.09
N LEU A 129 -28.08 15.41 7.89
CA LEU A 129 -26.75 15.81 7.44
C LEU A 129 -25.82 15.57 8.61
N LEU A 130 -24.59 15.16 8.29
CA LEU A 130 -23.60 14.74 9.26
C LEU A 130 -22.41 15.68 9.23
N THR A 131 -21.75 15.81 10.39
CA THR A 131 -20.58 16.63 10.59
C THR A 131 -19.36 15.76 10.28
N GLU A 132 -18.18 16.31 10.45
CA GLU A 132 -16.96 15.65 10.01
C GLU A 132 -17.12 15.20 8.55
N HIS A 133 -17.86 15.95 7.75
CA HIS A 133 -18.02 15.64 6.33
C HIS A 133 -17.59 16.84 5.47
N ASN A 134 -16.70 16.57 4.50
CA ASN A 134 -16.21 17.58 3.59
C ASN A 134 -17.19 17.73 2.43
N ILE A 135 -17.51 18.97 2.06
CA ILE A 135 -18.51 19.23 1.02
C ILE A 135 -17.83 19.11 -0.35
N CYS A 136 -18.37 18.26 -1.21
CA CYS A 136 -17.75 17.93 -2.49
C CYS A 136 -18.39 18.71 -3.63
N GLU A 137 -19.72 18.75 -3.64
CA GLU A 137 -20.45 19.36 -4.73
C GLU A 137 -21.69 20.05 -4.15
N ILE A 138 -22.27 20.98 -4.94
CA ILE A 138 -23.57 21.59 -4.65
C ILE A 138 -24.36 21.71 -5.95
N ASN A 139 -25.62 21.25 -5.92
CA ASN A 139 -26.50 21.28 -7.07
C ASN A 139 -25.78 20.80 -8.31
N GLY A 140 -24.88 19.83 -8.14
CA GLY A 140 -24.19 19.19 -9.25
C GLY A 140 -22.90 19.91 -9.65
N GLN A 141 -22.47 20.90 -8.87
CA GLN A 141 -21.26 21.65 -9.17
C GLN A 141 -20.19 21.42 -8.11
N ASN A 142 -19.02 21.00 -8.57
CA ASN A 142 -17.91 20.67 -7.70
C ASN A 142 -17.40 21.95 -7.05
N VAL A 143 -17.40 22.03 -5.71
CA VAL A 143 -17.04 23.26 -5.02
C VAL A 143 -15.78 23.05 -4.19
N ILE A 144 -14.95 22.08 -4.57
CA ILE A 144 -13.81 21.71 -3.74
C ILE A 144 -12.66 22.69 -3.97
N GLY A 145 -12.23 23.38 -2.91
CA GLY A 145 -11.05 24.24 -2.98
C GLY A 145 -11.42 25.71 -3.04
N LEU A 146 -12.63 26.00 -3.54
CA LEU A 146 -13.26 27.30 -3.35
C LEU A 146 -13.18 27.71 -1.89
N LYS A 147 -13.37 29.01 -1.63
CA LYS A 147 -13.33 29.51 -0.26
C LYS A 147 -14.71 29.32 0.34
N ASP A 148 -14.82 29.50 1.67
CA ASP A 148 -16.08 29.30 2.36
C ASP A 148 -17.09 30.35 1.86
N SER A 149 -16.57 31.54 1.51
CA SER A 149 -17.38 32.65 1.01
C SER A 149 -18.10 32.27 -0.27
N GLN A 150 -17.35 31.63 -1.18
CA GLN A 150 -17.85 31.33 -2.51
C GLN A 150 -18.83 30.16 -2.43
N ILE A 151 -18.58 29.27 -1.45
CA ILE A 151 -19.48 28.17 -1.15
C ILE A 151 -20.79 28.73 -0.60
N ALA A 152 -20.67 29.67 0.35
CA ALA A 152 -21.81 30.40 0.90
C ALA A 152 -22.62 31.08 -0.21
N ASP A 153 -21.89 31.74 -1.13
CA ASP A 153 -22.49 32.40 -2.27
C ASP A 153 -23.31 31.42 -3.10
N ILE A 154 -22.77 30.23 -3.38
CA ILE A 154 -23.47 29.25 -4.22
C ILE A 154 -24.75 28.79 -3.52
N LEU A 155 -24.70 28.67 -2.19
CA LEU A 155 -25.85 28.25 -1.41
C LEU A 155 -26.87 29.38 -1.35
N SER A 156 -26.39 30.62 -1.43
CA SER A 156 -27.27 31.77 -1.52
C SER A 156 -27.87 31.87 -2.93
N THR A 157 -27.02 31.83 -3.98
CA THR A 157 -27.48 31.93 -5.36
C THR A 157 -28.41 30.78 -5.75
N SER A 158 -28.30 29.64 -5.06
CA SER A 158 -29.13 28.48 -5.34
C SER A 158 -30.58 28.79 -4.93
N GLY A 159 -31.52 28.13 -5.61
CA GLY A 159 -32.93 28.26 -5.31
C GLY A 159 -33.23 27.92 -3.85
N THR A 160 -34.48 27.55 -3.57
CA THR A 160 -34.88 27.09 -2.24
C THR A 160 -34.34 25.68 -2.02
N VAL A 161 -34.48 24.82 -3.04
CA VAL A 161 -33.98 23.46 -2.98
C VAL A 161 -32.46 23.46 -3.20
N VAL A 162 -31.79 22.69 -2.34
CA VAL A 162 -30.34 22.64 -2.27
C VAL A 162 -29.95 21.18 -2.15
N THR A 163 -29.10 20.74 -3.08
CA THR A 163 -28.63 19.38 -3.10
C THR A 163 -27.13 19.39 -2.87
N ILE A 164 -26.68 18.71 -1.81
CA ILE A 164 -25.27 18.73 -1.44
C ILE A 164 -24.72 17.30 -1.50
N THR A 165 -23.49 17.20 -2.03
CA THR A 165 -22.75 15.96 -2.08
C THR A 165 -21.55 16.05 -1.15
N ILE A 166 -21.54 15.13 -0.16
CA ILE A 166 -20.64 15.11 0.96
C ILE A 166 -19.83 13.81 0.97
N MET A 167 -18.66 13.85 1.61
CA MET A 167 -17.79 12.69 1.74
C MET A 167 -17.17 12.69 3.15
N PRO A 168 -17.08 11.52 3.83
CA PRO A 168 -16.36 11.45 5.11
C PRO A 168 -14.97 12.04 5.07
N ALA A 169 -14.74 13.03 5.94
CA ALA A 169 -13.48 13.78 5.95
C ALA A 169 -12.26 12.86 5.92
N PHE A 170 -12.24 11.79 6.72
N PHE A 170 -12.29 11.77 6.68
CA PHE A 170 -11.09 10.90 6.71
CA PHE A 170 -11.14 10.88 6.75
C PHE A 170 -10.79 10.46 5.28
C PHE A 170 -10.82 10.28 5.37
N ILE A 171 -11.84 10.17 4.49
CA ILE A 171 -11.63 9.65 3.15
C ILE A 171 -11.23 10.80 2.23
N PHE A 172 -11.96 11.91 2.37
CA PHE A 172 -11.67 13.15 1.69
C PHE A 172 -10.21 13.57 1.92
N GLU A 173 -9.76 13.56 3.18
CA GLU A 173 -8.42 14.01 3.50
C GLU A 173 -7.39 13.05 2.91
N HIS A 174 -7.74 11.78 2.77
CA HIS A 174 -6.82 10.81 2.19
C HIS A 174 -6.83 10.87 0.65
N ILE A 175 -7.93 11.34 0.04
CA ILE A 175 -7.93 11.50 -1.43
C ILE A 175 -7.06 12.67 -1.87
N ILE A 176 -7.27 13.85 -1.27
CA ILE A 176 -6.59 15.08 -1.66
C ILE A 176 -5.11 15.11 -1.24
N LYS A 177 -4.65 14.07 -0.54
CA LYS A 177 -3.32 14.06 0.07
C LYS A 177 -2.24 13.96 -1.03
N ARG A 178 -1.35 14.97 -1.06
CA ARG A 178 -0.25 15.09 -2.01
C ARG A 178 -0.67 15.94 -3.22
N MET A 179 -1.58 16.89 -2.96
CA MET A 179 -2.04 17.81 -3.98
C MET A 179 -2.22 19.18 -3.34
N ALA A 180 -1.54 20.19 -3.92
CA ALA A 180 -1.48 21.54 -3.39
C ALA A 180 -2.87 22.19 -3.40
N PRO A 181 -3.29 22.90 -2.32
CA PRO A 181 -4.61 23.52 -2.27
C PRO A 181 -4.92 24.55 -3.36
N SER A 182 -3.86 25.12 -3.97
CA SER A 182 -3.99 26.11 -5.02
C SER A 182 -4.46 25.46 -6.32
N ILE A 183 -3.96 24.23 -6.54
CA ILE A 183 -4.28 23.47 -7.74
C ILE A 183 -5.77 23.13 -7.72
N MET A 184 -6.29 22.78 -6.54
CA MET A 184 -7.70 22.48 -6.33
C MET A 184 -8.54 23.73 -6.59
N LYS A 185 -8.04 24.87 -6.14
CA LYS A 185 -8.72 26.14 -6.27
C LYS A 185 -8.69 26.58 -7.74
N SER A 186 -7.58 26.27 -8.44
CA SER A 186 -7.30 26.79 -9.77
C SER A 186 -7.86 25.86 -10.84
N LEU A 187 -7.61 24.56 -10.69
CA LEU A 187 -7.63 23.67 -11.85
C LEU A 187 -8.82 22.71 -11.84
N MET A 188 -9.13 22.14 -10.67
CA MET A 188 -10.34 21.34 -10.46
C MET A 188 -11.53 22.04 -11.12
N ASP A 189 -12.26 21.29 -11.94
CA ASP A 189 -13.38 21.83 -12.69
C ASP A 189 -14.50 22.22 -11.72
N HIS A 190 -14.90 23.49 -11.71
CA HIS A 190 -15.96 23.96 -10.82
C HIS A 190 -17.18 24.45 -11.59
N THR A 191 -17.47 23.87 -12.77
CA THR A 191 -18.46 24.41 -13.66
C THR A 191 -19.67 23.48 -13.73
N ILE A 192 -20.83 24.05 -14.09
CA ILE A 192 -22.01 23.28 -14.42
C ILE A 192 -21.70 22.46 -15.67
N PRO A 193 -22.22 21.22 -15.81
CA PRO A 193 -22.03 20.42 -17.03
C PRO A 193 -22.71 20.94 -18.30
N GLU A 194 -22.13 20.57 -19.45
CA GLU A 194 -22.50 21.09 -20.75
C GLU A 194 -23.43 20.09 -21.45
N VAL A 195 -24.34 20.63 -22.28
CA VAL A 195 -25.36 19.84 -22.96
C VAL A 195 -25.33 20.17 -24.45
N ALA B 3 27.32 12.01 -23.53
CA ALA B 3 28.12 12.87 -22.61
C ALA B 3 28.20 14.31 -23.13
N GLU B 4 28.29 14.48 -24.47
CA GLU B 4 28.61 15.75 -25.13
C GLU B 4 27.48 16.77 -24.95
N ILE B 5 27.84 18.03 -24.64
CA ILE B 5 26.90 19.12 -24.41
C ILE B 5 26.23 19.48 -25.75
N LYS B 6 24.89 19.56 -25.74
CA LYS B 6 24.10 19.71 -26.96
C LYS B 6 23.82 21.18 -27.23
N GLN B 7 23.93 21.58 -28.50
CA GLN B 7 23.68 22.95 -28.92
C GLN B 7 22.17 23.16 -29.05
N GLY B 8 21.75 24.43 -29.03
CA GLY B 8 20.34 24.79 -29.04
C GLY B 8 19.55 24.15 -27.91
N ILE B 9 18.27 23.89 -28.18
CA ILE B 9 17.24 23.78 -27.17
C ILE B 9 16.48 22.46 -27.35
N ARG B 10 16.08 21.79 -26.26
CA ARG B 10 15.11 20.71 -26.39
C ARG B 10 13.92 20.93 -25.46
N GLU B 11 12.83 20.20 -25.73
CA GLU B 11 11.60 20.25 -24.96
C GLU B 11 11.47 18.93 -24.23
N VAL B 12 11.17 18.98 -22.92
CA VAL B 12 10.98 17.78 -22.14
C VAL B 12 9.61 17.81 -21.46
N ILE B 13 8.96 16.64 -21.38
CA ILE B 13 7.67 16.49 -20.74
C ILE B 13 7.86 15.75 -19.43
N LEU B 14 7.19 16.23 -18.38
CA LEU B 14 7.30 15.63 -17.05
C LEU B 14 5.91 15.32 -16.52
N CYS B 15 5.91 14.48 -15.48
CA CYS B 15 4.72 14.06 -14.76
C CYS B 15 5.07 14.10 -13.27
N LYS B 16 4.32 14.87 -12.47
CA LYS B 16 4.54 14.86 -11.04
C LYS B 16 4.26 13.45 -10.53
N ASP B 17 5.18 12.92 -9.72
CA ASP B 17 4.99 11.61 -9.11
C ASP B 17 3.80 11.71 -8.16
N GLN B 18 3.49 10.62 -7.47
CA GLN B 18 2.31 10.51 -6.64
C GLN B 18 2.42 11.34 -5.35
N ASP B 19 3.63 11.85 -5.04
CA ASP B 19 3.78 12.75 -3.90
C ASP B 19 3.69 14.21 -4.34
N GLY B 20 3.46 14.46 -5.63
CA GLY B 20 3.31 15.81 -6.17
C GLY B 20 4.66 16.48 -6.43
N LYS B 21 5.73 15.67 -6.49
CA LYS B 21 7.10 16.12 -6.67
C LYS B 21 7.55 15.84 -8.09
N ILE B 22 8.53 16.62 -8.54
CA ILE B 22 9.19 16.43 -9.82
C ILE B 22 10.62 15.98 -9.57
N GLY B 23 11.15 16.33 -8.40
CA GLY B 23 12.49 15.96 -8.02
C GLY B 23 13.51 16.94 -8.59
N LEU B 24 13.19 18.24 -8.51
CA LEU B 24 14.08 19.29 -8.97
C LEU B 24 14.27 20.33 -7.87
N ARG B 25 15.44 20.98 -7.89
CA ARG B 25 15.55 22.31 -7.33
C ARG B 25 16.07 23.26 -8.42
N LEU B 26 15.47 24.46 -8.46
CA LEU B 26 15.79 25.46 -9.46
C LEU B 26 16.46 26.65 -8.78
N LYS B 27 17.46 27.23 -9.47
CA LYS B 27 18.20 28.37 -8.95
C LYS B 27 18.31 29.45 -10.01
N SER B 28 18.09 30.70 -9.58
CA SER B 28 18.21 31.89 -10.40
C SER B 28 19.68 32.28 -10.54
N ILE B 29 20.18 32.29 -11.78
CA ILE B 29 21.54 32.76 -12.07
C ILE B 29 21.47 33.67 -13.29
N ASP B 30 21.82 34.95 -13.08
CA ASP B 30 21.99 35.91 -14.15
C ASP B 30 20.69 36.03 -14.96
N ASN B 31 19.54 36.13 -14.26
CA ASN B 31 18.24 36.33 -14.88
C ASN B 31 17.77 35.16 -15.72
N GLY B 32 18.44 34.00 -15.59
CA GLY B 32 17.90 32.72 -16.03
C GLY B 32 17.70 31.80 -14.82
N ILE B 33 17.21 30.58 -15.09
CA ILE B 33 16.83 29.61 -14.06
C ILE B 33 17.57 28.32 -14.35
N PHE B 34 18.26 27.78 -13.35
CA PHE B 34 19.16 26.65 -13.60
C PHE B 34 18.95 25.54 -12.58
N VAL B 35 19.20 24.31 -13.03
CA VAL B 35 18.94 23.14 -12.22
C VAL B 35 20.11 23.00 -11.24
N GLN B 36 19.74 22.91 -9.96
CA GLN B 36 20.64 22.91 -8.82
C GLN B 36 20.74 21.48 -8.28
N LEU B 37 19.65 20.72 -8.39
CA LEU B 37 19.55 19.35 -7.91
C LEU B 37 18.56 18.58 -8.76
N VAL B 38 18.94 17.36 -9.15
CA VAL B 38 17.99 16.32 -9.56
C VAL B 38 18.05 15.19 -8.53
N GLN B 39 16.88 14.69 -8.12
CA GLN B 39 16.78 13.54 -7.21
C GLN B 39 16.74 12.22 -7.99
N ALA B 40 17.49 11.22 -7.53
CA ALA B 40 17.45 9.92 -8.15
C ALA B 40 16.03 9.36 -8.07
N ASN B 41 15.63 8.60 -9.10
CA ASN B 41 14.35 7.93 -9.11
C ASN B 41 13.25 8.98 -8.95
N SER B 42 13.29 9.94 -9.86
CA SER B 42 12.32 11.02 -9.86
C SER B 42 11.84 11.23 -11.28
N PRO B 43 10.66 11.84 -11.47
CA PRO B 43 10.20 12.17 -12.81
C PRO B 43 11.32 12.83 -13.60
N ALA B 44 12.11 13.67 -12.91
CA ALA B 44 13.11 14.51 -13.55
C ALA B 44 14.34 13.71 -13.97
N SER B 45 14.82 12.82 -13.10
CA SER B 45 15.92 11.91 -13.45
C SER B 45 15.56 11.14 -14.72
N LEU B 46 14.38 10.52 -14.70
CA LEU B 46 13.91 9.63 -15.76
C LEU B 46 13.90 10.33 -17.11
N VAL B 47 13.53 11.62 -17.15
CA VAL B 47 13.39 12.32 -18.41
C VAL B 47 14.72 12.92 -18.85
N GLY B 48 15.74 12.86 -17.99
CA GLY B 48 17.09 13.21 -18.43
C GLY B 48 17.44 14.66 -18.14
N LEU B 49 16.73 15.26 -17.18
CA LEU B 49 17.19 16.55 -16.66
C LEU B 49 18.46 16.33 -15.86
N ARG B 50 19.36 17.33 -15.94
CA ARG B 50 20.69 17.23 -15.36
C ARG B 50 21.07 18.54 -14.69
N PHE B 51 21.93 18.41 -13.67
CA PHE B 51 22.54 19.54 -13.02
C PHE B 51 23.13 20.46 -14.07
N GLY B 52 22.89 21.76 -13.89
CA GLY B 52 23.44 22.77 -14.76
C GLY B 52 22.55 23.14 -15.94
N ASP B 53 21.54 22.30 -16.24
CA ASP B 53 20.62 22.62 -17.31
C ASP B 53 20.02 24.00 -17.07
N GLN B 54 19.80 24.75 -18.16
CA GLN B 54 19.01 25.98 -18.11
C GLN B 54 17.54 25.69 -18.42
N VAL B 55 16.61 26.29 -17.66
CA VAL B 55 15.19 26.13 -18.00
C VAL B 55 14.69 27.45 -18.58
N LEU B 56 14.28 27.38 -19.85
CA LEU B 56 13.94 28.58 -20.60
C LEU B 56 12.47 28.90 -20.38
N GLN B 57 11.64 27.86 -20.44
CA GLN B 57 10.22 28.02 -20.15
C GLN B 57 9.66 26.82 -19.41
N ILE B 58 8.56 27.07 -18.66
CA ILE B 58 7.78 26.04 -17.99
C ILE B 58 6.33 26.20 -18.42
N ASN B 59 5.81 25.21 -19.15
CA ASN B 59 4.45 25.28 -19.63
C ASN B 59 4.28 26.53 -20.49
N GLY B 60 5.27 26.82 -21.33
CA GLY B 60 5.18 27.93 -22.27
C GLY B 60 5.38 29.31 -21.66
N GLU B 61 5.69 29.42 -20.35
CA GLU B 61 6.02 30.71 -19.75
C GLU B 61 7.54 30.87 -19.63
N ASN B 62 8.05 32.06 -19.91
CA ASN B 62 9.48 32.33 -19.90
C ASN B 62 9.98 32.44 -18.45
N CYS B 63 11.13 31.81 -18.17
CA CYS B 63 11.71 31.79 -16.84
C CYS B 63 12.55 33.04 -16.57
N ALA B 64 12.80 33.82 -17.63
CA ALA B 64 13.60 35.03 -17.59
C ALA B 64 13.22 35.97 -16.43
N GLY B 65 14.16 36.22 -15.52
CA GLY B 65 13.95 37.18 -14.44
C GLY B 65 13.43 36.54 -13.15
N TRP B 66 12.85 35.35 -13.27
CA TRP B 66 12.20 34.71 -12.14
C TRP B 66 13.20 34.42 -11.04
N SER B 67 12.79 34.66 -9.79
CA SER B 67 13.58 34.23 -8.65
C SER B 67 13.41 32.73 -8.48
N SER B 68 14.28 32.12 -7.69
CA SER B 68 14.17 30.72 -7.33
C SER B 68 12.77 30.42 -6.81
N ASP B 69 12.31 31.28 -5.88
CA ASP B 69 11.08 31.07 -5.13
C ASP B 69 9.89 31.07 -6.07
N LYS B 70 9.94 31.94 -7.08
CA LYS B 70 8.85 32.04 -8.03
C LYS B 70 8.80 30.80 -8.92
N ALA B 71 9.93 30.13 -9.08
CA ALA B 71 9.99 29.00 -10.00
C ALA B 71 9.45 27.74 -9.32
N HIS B 72 9.97 27.49 -8.12
CA HIS B 72 9.48 26.49 -7.19
C HIS B 72 7.98 26.61 -6.95
N LYS B 73 7.51 27.85 -6.75
CA LYS B 73 6.09 28.12 -6.63
C LYS B 73 5.39 27.66 -7.91
N VAL B 74 5.97 27.95 -9.08
CA VAL B 74 5.31 27.59 -10.32
C VAL B 74 5.25 26.06 -10.46
N LEU B 75 6.27 25.36 -9.95
CA LEU B 75 6.27 23.90 -9.93
C LEU B 75 5.28 23.37 -8.89
N LYS B 76 5.27 23.99 -7.71
CA LYS B 76 4.30 23.59 -6.71
C LYS B 76 2.89 23.67 -7.31
N GLN B 77 2.57 24.72 -8.07
CA GLN B 77 1.20 24.97 -8.49
C GLN B 77 0.87 24.31 -9.83
N ALA B 78 1.82 23.61 -10.43
CA ALA B 78 1.61 22.96 -11.71
C ALA B 78 0.62 21.80 -11.61
N PHE B 79 -0.39 21.74 -12.49
CA PHE B 79 -1.13 20.50 -12.66
C PHE B 79 -0.20 19.37 -13.09
N GLY B 80 -0.24 18.25 -12.36
CA GLY B 80 0.83 17.28 -12.37
C GLY B 80 0.82 16.31 -13.55
N GLU B 81 -0.12 16.41 -14.50
CA GLU B 81 -0.22 15.41 -15.56
C GLU B 81 0.89 15.56 -16.60
N LYS B 82 0.86 16.64 -17.37
CA LYS B 82 1.92 16.96 -18.30
C LYS B 82 2.47 18.35 -17.95
N ILE B 83 3.76 18.40 -17.63
CA ILE B 83 4.45 19.66 -17.45
C ILE B 83 5.52 19.75 -18.54
N THR B 84 5.42 20.73 -19.44
CA THR B 84 6.44 20.88 -20.47
C THR B 84 7.47 21.87 -19.97
N MET B 85 8.74 21.48 -20.13
CA MET B 85 9.84 22.36 -19.88
C MET B 85 10.70 22.44 -21.14
N THR B 86 11.28 23.62 -21.38
CA THR B 86 12.18 23.78 -22.50
C THR B 86 13.57 24.08 -21.96
N ILE B 87 14.54 23.26 -22.40
CA ILE B 87 15.86 23.20 -21.80
C ILE B 87 16.93 23.64 -22.80
N ARG B 88 17.95 24.34 -22.29
CA ARG B 88 19.24 24.42 -22.96
C ARG B 88 20.19 23.56 -22.13
N ASP B 89 20.90 22.66 -22.82
CA ASP B 89 21.73 21.66 -22.20
C ASP B 89 22.94 22.34 -21.56
N ARG B 90 23.04 22.25 -20.23
CA ARG B 90 24.21 22.62 -19.42
C ARG B 90 25.08 23.69 -20.04
N PRO B 91 24.57 24.92 -20.26
CA PRO B 91 25.34 25.99 -20.89
C PRO B 91 26.68 26.34 -20.28
N PHE B 92 26.77 26.35 -18.94
CA PHE B 92 27.99 26.75 -18.26
C PHE B 92 29.02 25.63 -18.28
N GLU B 93 28.63 24.44 -18.77
CA GLU B 93 29.50 23.29 -18.73
C GLU B 93 30.11 23.05 -20.11
N ARG B 94 31.17 22.23 -20.11
CA ARG B 94 31.81 21.66 -21.29
C ARG B 94 32.30 20.28 -20.90
N THR B 95 32.46 19.37 -21.88
CA THR B 95 33.02 18.06 -21.57
C THR B 95 34.35 17.88 -22.29
N ILE B 96 35.20 17.03 -21.70
CA ILE B 96 36.56 16.78 -22.15
C ILE B 96 36.83 15.28 -22.03
N THR B 97 37.44 14.73 -23.08
CA THR B 97 37.73 13.31 -23.17
C THR B 97 39.25 13.13 -23.12
N MET B 98 39.68 12.09 -22.39
CA MET B 98 41.09 11.90 -22.07
C MET B 98 41.34 10.39 -21.92
N HIS B 99 42.60 9.95 -22.05
CA HIS B 99 42.91 8.52 -22.10
C HIS B 99 43.87 8.11 -20.99
N LYS B 100 43.33 7.43 -19.96
CA LYS B 100 44.14 6.76 -18.97
C LYS B 100 45.33 6.09 -19.65
N ASP B 101 46.54 6.47 -19.24
CA ASP B 101 47.78 5.90 -19.75
C ASP B 101 48.00 4.53 -19.08
N SER B 102 49.21 3.97 -19.22
CA SER B 102 49.54 2.69 -18.62
C SER B 102 49.43 2.76 -17.08
N THR B 103 49.88 3.88 -16.50
CA THR B 103 49.83 4.10 -15.06
C THR B 103 48.36 4.13 -14.61
N GLY B 104 47.48 4.59 -15.49
CA GLY B 104 46.04 4.59 -15.22
C GLY B 104 45.53 5.99 -14.88
N HIS B 105 46.22 7.00 -15.43
CA HIS B 105 46.09 8.39 -15.01
C HIS B 105 45.85 9.27 -16.23
N VAL B 106 45.07 10.34 -16.03
CA VAL B 106 44.68 11.23 -17.12
C VAL B 106 45.44 12.54 -16.95
N GLY B 107 45.73 12.89 -15.69
CA GLY B 107 46.85 13.74 -15.36
C GLY B 107 46.43 15.05 -14.71
N PHE B 108 45.71 14.96 -13.59
CA PHE B 108 45.40 16.18 -12.88
C PHE B 108 45.22 15.89 -11.39
N ILE B 109 45.39 16.96 -10.62
CA ILE B 109 45.15 16.96 -9.19
C ILE B 109 43.86 17.75 -8.96
N PHE B 110 43.08 17.31 -7.99
CA PHE B 110 41.85 17.99 -7.62
C PHE B 110 41.63 17.82 -6.14
N LYS B 111 40.80 18.70 -5.55
CA LYS B 111 40.45 18.70 -4.14
C LYS B 111 39.03 19.26 -3.96
N ASN B 112 38.22 18.70 -3.07
CA ASN B 112 36.82 19.10 -2.96
C ASN B 112 36.24 19.36 -4.34
N GLY B 113 36.48 18.40 -5.25
CA GLY B 113 35.85 18.38 -6.56
C GLY B 113 36.37 19.41 -7.56
N LYS B 114 37.40 20.21 -7.21
CA LYS B 114 37.92 21.24 -8.07
C LYS B 114 39.31 20.90 -8.55
N ILE B 115 39.59 21.20 -9.83
CA ILE B 115 40.83 20.80 -10.48
C ILE B 115 41.90 21.81 -10.12
N THR B 116 42.94 21.37 -9.41
CA THR B 116 43.90 22.32 -8.85
C THR B 116 45.16 22.35 -9.69
N SER B 117 45.52 21.25 -10.34
CA SER B 117 46.76 21.21 -11.06
C SER B 117 46.60 20.26 -12.25
N ILE B 118 47.34 20.56 -13.33
CA ILE B 118 47.35 19.74 -14.52
C ILE B 118 48.75 19.19 -14.67
N VAL B 119 48.86 17.86 -14.68
CA VAL B 119 50.15 17.20 -14.83
C VAL B 119 50.74 17.47 -16.21
N LYS B 120 52.07 17.43 -16.28
CA LYS B 120 52.84 17.76 -17.47
C LYS B 120 52.76 16.58 -18.45
N ASP B 121 52.80 16.91 -19.75
CA ASP B 121 52.65 15.94 -20.83
C ASP B 121 51.75 14.77 -20.39
N SER B 122 50.52 15.08 -19.98
CA SER B 122 49.49 14.06 -19.76
C SER B 122 48.37 14.22 -20.79
N SER B 123 47.45 13.24 -20.77
CA SER B 123 46.21 13.35 -21.51
C SER B 123 45.59 14.73 -21.24
N ALA B 124 45.39 14.99 -19.93
CA ALA B 124 44.78 16.22 -19.47
C ALA B 124 45.49 17.44 -20.04
N ALA B 125 46.82 17.40 -20.08
CA ALA B 125 47.57 18.52 -20.60
C ALA B 125 47.27 18.74 -22.08
N ARG B 126 47.04 17.62 -22.78
CA ARG B 126 46.92 17.60 -24.23
C ARG B 126 45.59 18.25 -24.63
N ASN B 127 44.51 17.79 -23.99
CA ASN B 127 43.18 18.21 -24.33
C ASN B 127 42.74 19.47 -23.57
N GLY B 128 43.70 20.23 -23.02
CA GLY B 128 43.48 21.61 -22.58
C GLY B 128 42.68 21.75 -21.29
N LEU B 129 42.65 20.68 -20.46
CA LEU B 129 41.93 20.69 -19.19
C LEU B 129 42.38 21.90 -18.40
N LEU B 130 41.48 22.39 -17.53
CA LEU B 130 41.61 23.70 -16.92
C LEU B 130 41.52 23.53 -15.40
N THR B 131 42.26 24.38 -14.67
CA THR B 131 42.12 24.40 -13.23
C THR B 131 41.02 25.39 -12.86
N GLU B 132 40.69 25.41 -11.56
CA GLU B 132 39.67 26.29 -11.02
C GLU B 132 38.35 25.95 -11.71
N HIS B 133 38.18 24.64 -11.97
CA HIS B 133 36.98 24.07 -12.55
C HIS B 133 36.58 22.89 -11.68
N ASN B 134 35.32 22.93 -11.24
CA ASN B 134 34.70 21.88 -10.48
C ASN B 134 34.31 20.75 -11.43
N ILE B 135 34.63 19.51 -11.05
CA ILE B 135 34.18 18.34 -11.79
C ILE B 135 32.69 18.13 -11.55
N CYS B 136 31.92 17.99 -12.63
CA CYS B 136 30.46 17.87 -12.56
C CYS B 136 29.97 16.47 -12.93
N GLU B 137 30.57 15.88 -13.97
CA GLU B 137 30.21 14.55 -14.43
C GLU B 137 31.46 13.82 -14.93
N ILE B 138 31.53 12.50 -14.64
CA ILE B 138 32.50 11.61 -15.24
C ILE B 138 31.73 10.57 -16.05
N ASN B 139 32.07 10.47 -17.34
CA ASN B 139 31.39 9.52 -18.22
C ASN B 139 29.87 9.75 -18.18
N GLY B 140 29.47 11.03 -18.15
CA GLY B 140 28.07 11.40 -18.12
C GLY B 140 27.39 11.11 -16.78
N GLN B 141 28.16 10.67 -15.78
CA GLN B 141 27.62 10.40 -14.45
C GLN B 141 27.92 11.58 -13.54
N ASN B 142 26.87 12.07 -12.84
CA ASN B 142 26.90 13.20 -11.94
C ASN B 142 27.62 12.81 -10.65
N VAL B 143 28.67 13.57 -10.28
CA VAL B 143 29.48 13.25 -9.12
C VAL B 143 29.51 14.42 -8.13
N ILE B 144 28.42 15.20 -8.07
CA ILE B 144 28.39 16.38 -7.24
C ILE B 144 27.99 16.01 -5.83
N GLY B 145 28.84 16.37 -4.86
CA GLY B 145 28.61 16.05 -3.46
C GLY B 145 29.28 14.75 -3.02
N LEU B 146 29.85 14.01 -3.99
CA LEU B 146 30.67 12.84 -3.74
C LEU B 146 32.02 13.25 -3.19
N LYS B 147 32.68 12.33 -2.49
CA LYS B 147 33.95 12.58 -1.82
C LYS B 147 35.11 12.40 -2.80
N ASP B 148 36.23 13.02 -2.50
CA ASP B 148 37.37 12.95 -3.39
C ASP B 148 37.79 11.49 -3.56
N SER B 149 37.53 10.64 -2.56
CA SER B 149 37.76 9.21 -2.71
C SER B 149 36.74 8.64 -3.70
N GLN B 150 35.45 8.83 -3.40
CA GLN B 150 34.36 8.35 -4.26
C GLN B 150 34.64 8.72 -5.71
N ILE B 151 34.93 10.00 -5.97
CA ILE B 151 35.24 10.48 -7.31
C ILE B 151 36.46 9.75 -7.85
N ALA B 152 37.43 9.50 -6.96
CA ALA B 152 38.71 8.90 -7.37
C ALA B 152 38.51 7.45 -7.81
N ASP B 153 37.68 6.68 -7.10
CA ASP B 153 37.40 5.31 -7.52
C ASP B 153 36.73 5.30 -8.89
N ILE B 154 35.77 6.20 -9.09
CA ILE B 154 34.95 6.21 -10.30
C ILE B 154 35.82 6.44 -11.54
N LEU B 155 36.94 7.15 -11.37
CA LEU B 155 37.89 7.34 -12.46
C LEU B 155 38.65 6.04 -12.72
N SER B 156 38.84 5.26 -11.66
CA SER B 156 39.58 4.02 -11.77
C SER B 156 38.70 3.01 -12.51
N THR B 157 37.50 2.72 -11.95
CA THR B 157 36.58 1.76 -12.52
C THR B 157 36.35 2.07 -14.01
N SER B 158 36.20 3.36 -14.34
CA SER B 158 36.12 3.79 -15.73
C SER B 158 37.18 3.09 -16.56
N GLY B 159 37.02 3.17 -17.87
CA GLY B 159 37.96 2.56 -18.79
C GLY B 159 38.98 3.59 -19.28
N THR B 160 39.88 3.12 -20.14
CA THR B 160 40.88 3.97 -20.76
C THR B 160 40.27 5.28 -21.25
N VAL B 161 39.04 5.20 -21.78
CA VAL B 161 38.41 6.37 -22.38
C VAL B 161 37.50 7.01 -21.35
N VAL B 162 37.80 8.27 -20.99
CA VAL B 162 37.19 8.93 -19.85
C VAL B 162 36.76 10.34 -20.27
N THR B 163 35.47 10.64 -20.10
CA THR B 163 34.95 11.98 -20.37
C THR B 163 34.72 12.70 -19.05
N ILE B 164 35.20 13.96 -18.96
CA ILE B 164 34.99 14.78 -17.78
C ILE B 164 34.13 15.98 -18.14
N THR B 165 33.11 16.28 -17.33
CA THR B 165 32.32 17.50 -17.52
C THR B 165 32.60 18.47 -16.38
N ILE B 166 32.95 19.71 -16.74
CA ILE B 166 33.48 20.69 -15.82
C ILE B 166 32.74 22.02 -15.95
N MET B 167 32.89 22.86 -14.92
CA MET B 167 32.22 24.15 -14.84
C MET B 167 33.14 25.09 -14.07
N PRO B 168 33.31 26.35 -14.53
CA PRO B 168 34.09 27.32 -13.77
C PRO B 168 33.64 27.31 -12.31
N ALA B 169 34.63 27.21 -11.42
CA ALA B 169 34.40 27.11 -10.00
C ALA B 169 33.51 28.23 -9.51
N PHE B 170 33.76 29.45 -10.01
N PHE B 170 33.77 29.48 -9.94
CA PHE B 170 33.05 30.64 -9.53
CA PHE B 170 33.01 30.60 -9.42
C PHE B 170 31.56 30.47 -9.78
C PHE B 170 31.53 30.43 -9.73
N ILE B 171 31.19 29.74 -10.83
CA ILE B 171 29.80 29.61 -11.25
C ILE B 171 29.17 28.45 -10.51
N PHE B 172 29.89 27.32 -10.46
CA PHE B 172 29.52 26.18 -9.63
C PHE B 172 29.16 26.64 -8.22
N GLU B 173 30.03 27.42 -7.58
CA GLU B 173 29.78 27.89 -6.23
C GLU B 173 28.53 28.76 -6.20
N HIS B 174 28.28 29.55 -7.24
CA HIS B 174 27.07 30.36 -7.25
C HIS B 174 25.82 29.47 -7.35
N ILE B 175 25.93 28.36 -8.10
CA ILE B 175 24.77 27.52 -8.40
C ILE B 175 24.36 26.72 -7.16
N ILE B 176 25.32 26.25 -6.35
CA ILE B 176 24.99 25.39 -5.23
C ILE B 176 24.60 26.20 -4.00
N LYS B 177 24.60 27.54 -4.08
CA LYS B 177 24.08 28.40 -3.02
C LYS B 177 22.57 28.25 -2.85
N ARG B 178 22.08 28.52 -1.63
CA ARG B 178 20.69 28.40 -1.23
C ARG B 178 20.24 26.94 -1.21
N MET B 179 21.11 26.06 -0.71
CA MET B 179 20.86 24.63 -0.70
C MET B 179 21.86 24.00 0.26
N ALA B 180 21.33 23.41 1.36
CA ALA B 180 22.14 22.81 2.40
C ALA B 180 22.94 21.63 1.83
N PRO B 181 24.27 21.57 2.04
CA PRO B 181 25.09 20.45 1.55
C PRO B 181 24.68 19.04 1.97
N SER B 182 23.77 18.94 2.95
CA SER B 182 23.30 17.64 3.40
C SER B 182 22.26 17.12 2.42
N ILE B 183 21.46 18.07 1.90
CA ILE B 183 20.49 17.84 0.84
C ILE B 183 21.25 17.43 -0.43
N MET B 184 22.32 18.18 -0.74
CA MET B 184 23.10 17.98 -1.94
C MET B 184 23.72 16.59 -1.88
N LYS B 185 24.28 16.27 -0.72
CA LYS B 185 25.04 15.04 -0.55
C LYS B 185 24.08 13.85 -0.54
N SER B 186 22.84 14.05 -0.07
CA SER B 186 21.95 12.90 0.12
C SER B 186 21.07 12.67 -1.12
N LEU B 187 20.64 13.75 -1.79
CA LEU B 187 19.59 13.68 -2.79
C LEU B 187 20.13 13.72 -4.22
N MET B 188 21.34 14.24 -4.45
CA MET B 188 21.78 14.48 -5.81
C MET B 188 21.79 13.14 -6.54
N ASP B 189 21.19 13.11 -7.73
CA ASP B 189 21.10 11.93 -8.56
C ASP B 189 22.50 11.59 -9.06
N HIS B 190 22.86 10.30 -9.09
CA HIS B 190 24.19 9.87 -9.50
C HIS B 190 24.12 8.66 -10.43
N THR B 191 22.93 8.46 -11.01
CA THR B 191 22.63 7.38 -11.94
C THR B 191 23.64 7.32 -13.09
N ILE B 192 23.97 6.10 -13.49
CA ILE B 192 24.86 5.91 -14.63
C ILE B 192 24.04 6.04 -15.91
N PRO B 193 24.50 6.83 -16.92
CA PRO B 193 23.78 6.96 -18.18
C PRO B 193 23.35 5.61 -18.73
N GLU B 194 22.02 5.42 -18.78
CA GLU B 194 21.37 4.24 -19.33
C GLU B 194 21.32 4.35 -20.84
N VAL B 195 20.73 3.33 -21.47
CA VAL B 195 20.44 3.39 -22.90
C VAL B 195 19.07 2.76 -23.14
N ALA C 3 -31.67 -6.28 0.40
CA ALA C 3 -30.21 -6.54 0.29
C ALA C 3 -29.48 -5.37 -0.37
N GLU C 4 -30.10 -4.72 -1.37
CA GLU C 4 -29.50 -3.60 -2.09
C GLU C 4 -29.79 -2.30 -1.34
N ILE C 5 -28.87 -1.33 -1.42
CA ILE C 5 -28.97 -0.07 -0.68
C ILE C 5 -30.00 0.83 -1.36
N LYS C 6 -30.83 1.48 -0.53
CA LYS C 6 -31.84 2.45 -0.98
C LYS C 6 -31.36 3.86 -0.63
N GLN C 7 -31.50 4.80 -1.58
CA GLN C 7 -31.19 6.21 -1.36
C GLN C 7 -32.49 6.98 -1.10
N GLY C 8 -33.35 6.37 -0.28
CA GLY C 8 -34.58 7.00 0.18
C GLY C 8 -34.67 6.98 1.70
N ILE C 9 -35.71 7.65 2.18
CA ILE C 9 -36.01 7.84 3.58
C ILE C 9 -37.39 7.23 3.83
N ARG C 10 -37.45 6.15 4.63
CA ARG C 10 -38.70 5.48 4.93
C ARG C 10 -39.08 5.69 6.40
N GLU C 11 -40.35 5.40 6.70
CA GLU C 11 -40.90 5.50 8.03
C GLU C 11 -41.21 4.08 8.52
N VAL C 12 -40.97 3.82 9.81
CA VAL C 12 -41.30 2.54 10.40
C VAL C 12 -42.10 2.77 11.69
N ILE C 13 -43.05 1.86 11.89
CA ILE C 13 -43.93 1.87 13.04
C ILE C 13 -43.61 0.62 13.85
N LEU C 14 -43.51 0.80 15.17
CA LEU C 14 -43.09 -0.26 16.08
C LEU C 14 -43.99 -0.25 17.31
N CYS C 15 -44.10 -1.43 17.94
CA CYS C 15 -44.59 -1.57 19.30
C CYS C 15 -43.59 -2.41 20.07
N LYS C 16 -43.40 -2.09 21.36
CA LYS C 16 -42.47 -2.81 22.22
C LYS C 16 -43.01 -4.21 22.57
N ASP C 17 -42.10 -5.19 22.68
CA ASP C 17 -42.48 -6.57 22.95
C ASP C 17 -43.01 -6.72 24.38
N GLN C 18 -42.96 -7.95 24.89
CA GLN C 18 -43.51 -8.29 26.20
C GLN C 18 -42.77 -7.52 27.29
N ASP C 19 -41.46 -7.38 27.07
CA ASP C 19 -40.55 -6.83 28.07
C ASP C 19 -40.31 -5.33 27.82
N GLY C 20 -41.14 -4.69 26.97
CA GLY C 20 -41.01 -3.27 26.68
C GLY C 20 -39.72 -2.93 25.95
N LYS C 21 -39.14 -3.92 25.26
CA LYS C 21 -37.95 -3.77 24.44
C LYS C 21 -38.37 -3.72 22.96
N ILE C 22 -37.55 -3.06 22.12
CA ILE C 22 -37.69 -3.11 20.67
C ILE C 22 -36.49 -3.81 20.05
N GLY C 23 -35.39 -3.90 20.81
CA GLY C 23 -34.27 -4.77 20.46
C GLY C 23 -33.21 -4.08 19.61
N LEU C 24 -32.88 -2.84 19.99
CA LEU C 24 -31.93 -2.00 19.26
C LEU C 24 -30.79 -1.57 20.18
N ARG C 25 -29.59 -1.46 19.63
CA ARG C 25 -28.58 -0.58 20.18
C ARG C 25 -28.30 0.52 19.17
N LEU C 26 -28.47 1.78 19.60
CA LEU C 26 -28.20 2.98 18.82
C LEU C 26 -26.87 3.61 19.22
N LYS C 27 -26.24 4.35 18.28
CA LYS C 27 -24.89 4.88 18.43
C LYS C 27 -24.72 6.25 17.76
N SER C 28 -23.97 7.14 18.40
CA SER C 28 -23.75 8.48 17.88
C SER C 28 -22.57 8.44 16.91
N ILE C 29 -22.78 8.95 15.69
CA ILE C 29 -21.70 9.10 14.72
C ILE C 29 -21.93 10.39 13.93
N ASP C 30 -20.93 11.29 13.92
CA ASP C 30 -20.88 12.43 13.01
C ASP C 30 -22.15 13.26 13.18
N ASN C 31 -22.67 13.30 14.41
CA ASN C 31 -23.88 14.01 14.81
C ASN C 31 -25.16 13.44 14.21
N GLY C 32 -25.08 12.24 13.64
CA GLY C 32 -26.25 11.42 13.41
C GLY C 32 -26.38 10.31 14.46
N ILE C 33 -27.49 9.59 14.38
CA ILE C 33 -27.76 8.43 15.22
C ILE C 33 -27.94 7.20 14.34
N PHE C 34 -27.32 6.08 14.72
CA PHE C 34 -27.21 4.91 13.86
C PHE C 34 -27.34 3.60 14.65
N VAL C 35 -27.84 2.57 13.96
CA VAL C 35 -28.13 1.28 14.54
C VAL C 35 -26.82 0.49 14.64
N GLN C 36 -26.34 0.21 15.87
CA GLN C 36 -25.15 -0.62 16.04
C GLN C 36 -25.51 -2.06 16.41
N LEU C 37 -26.77 -2.29 16.78
CA LEU C 37 -27.21 -3.67 16.89
C LEU C 37 -28.73 -3.74 16.81
N VAL C 38 -29.19 -4.77 16.10
CA VAL C 38 -30.58 -5.23 16.11
C VAL C 38 -30.59 -6.67 16.63
N GLN C 39 -31.51 -6.96 17.55
CA GLN C 39 -31.67 -8.32 18.08
C GLN C 39 -32.59 -9.14 17.18
N ALA C 40 -32.17 -10.39 16.90
CA ALA C 40 -33.02 -11.36 16.23
C ALA C 40 -34.38 -11.46 16.91
N ASN C 41 -35.45 -11.50 16.11
N ASN C 41 -35.43 -11.65 16.10
CA ASN C 41 -36.80 -11.76 16.62
CA ASN C 41 -36.83 -11.70 16.54
C ASN C 41 -37.29 -10.60 17.46
C ASN C 41 -37.07 -10.66 17.62
N SER C 42 -36.64 -9.43 17.35
CA SER C 42 -37.09 -8.25 18.07
C SER C 42 -38.12 -7.54 17.20
N PRO C 43 -38.97 -6.67 17.76
CA PRO C 43 -39.82 -5.80 16.95
C PRO C 43 -39.04 -4.93 15.95
N ALA C 44 -37.71 -4.92 16.09
CA ALA C 44 -36.85 -4.13 15.24
C ALA C 44 -36.47 -4.93 14.01
N SER C 45 -36.11 -6.20 14.19
CA SER C 45 -35.71 -7.05 13.07
C SER C 45 -36.92 -7.30 12.16
N LEU C 46 -38.09 -7.39 12.78
CA LEU C 46 -39.30 -7.81 12.09
C LEU C 46 -39.76 -6.71 11.13
N VAL C 47 -39.71 -5.47 11.61
CA VAL C 47 -40.22 -4.34 10.85
C VAL C 47 -39.21 -3.95 9.77
N GLY C 48 -37.92 -4.29 9.94
CA GLY C 48 -36.96 -4.22 8.84
C GLY C 48 -35.64 -3.49 9.16
N LEU C 49 -35.48 -2.92 10.37
CA LEU C 49 -34.26 -2.19 10.69
C LEU C 49 -33.06 -3.13 10.56
N ARG C 50 -31.94 -2.55 10.11
CA ARG C 50 -30.71 -3.28 9.85
C ARG C 50 -29.55 -2.50 10.45
N PHE C 51 -28.43 -3.21 10.67
CA PHE C 51 -27.23 -2.61 11.24
C PHE C 51 -26.71 -1.57 10.26
N GLY C 52 -26.48 -0.35 10.76
CA GLY C 52 -25.84 0.68 9.97
C GLY C 52 -26.84 1.67 9.43
N ASP C 53 -28.13 1.38 9.66
CA ASP C 53 -29.24 2.29 9.39
C ASP C 53 -29.10 3.55 10.23
N GLN C 54 -29.46 4.71 9.65
CA GLN C 54 -29.47 5.99 10.33
C GLN C 54 -30.89 6.33 10.75
N VAL C 55 -31.10 6.77 12.00
CA VAL C 55 -32.37 7.23 12.51
C VAL C 55 -32.38 8.75 12.53
N LEU C 56 -33.30 9.34 11.76
CA LEU C 56 -33.37 10.79 11.61
C LEU C 56 -34.42 11.37 12.56
N GLN C 57 -35.57 10.70 12.69
CA GLN C 57 -36.58 11.12 13.66
C GLN C 57 -36.96 9.93 14.54
N ILE C 58 -37.48 10.24 15.73
CA ILE C 58 -38.19 9.28 16.56
C ILE C 58 -39.46 9.95 17.05
N ASN C 59 -40.62 9.35 16.73
CA ASN C 59 -41.90 9.97 16.98
C ASN C 59 -41.83 11.45 16.62
N GLY C 60 -41.15 11.75 15.49
CA GLY C 60 -41.29 13.01 14.79
C GLY C 60 -40.33 14.09 15.25
N GLU C 61 -39.27 13.68 15.96
CA GLU C 61 -38.28 14.58 16.52
C GLU C 61 -36.93 14.27 15.93
N ASN C 62 -36.18 15.31 15.55
CA ASN C 62 -34.90 15.12 14.89
C ASN C 62 -33.94 14.48 15.88
N CYS C 63 -33.09 13.58 15.37
CA CYS C 63 -32.08 12.93 16.16
C CYS C 63 -30.73 13.62 16.02
N ALA C 64 -30.56 14.54 15.07
CA ALA C 64 -29.26 15.19 14.91
C ALA C 64 -28.81 15.74 16.28
N GLY C 65 -27.56 15.46 16.61
CA GLY C 65 -26.97 15.99 17.84
C GLY C 65 -26.81 14.90 18.90
N TRP C 66 -27.88 14.10 19.05
CA TRP C 66 -28.15 13.31 20.23
C TRP C 66 -26.94 12.45 20.61
N SER C 67 -26.75 12.29 21.92
CA SER C 67 -25.90 11.24 22.44
C SER C 67 -26.57 9.88 22.23
N SER C 68 -25.75 8.83 22.14
CA SER C 68 -26.23 7.49 22.35
C SER C 68 -27.24 7.47 23.50
N ASP C 69 -26.77 7.92 24.67
CA ASP C 69 -27.52 7.86 25.92
C ASP C 69 -28.89 8.51 25.73
N LYS C 70 -28.93 9.62 24.96
CA LYS C 70 -30.18 10.38 24.85
C LYS C 70 -31.17 9.65 23.95
N ALA C 71 -30.66 8.90 22.96
CA ALA C 71 -31.51 8.13 22.07
C ALA C 71 -32.18 6.98 22.84
N HIS C 72 -31.36 6.31 23.65
CA HIS C 72 -31.81 5.18 24.47
C HIS C 72 -32.90 5.62 25.43
N LYS C 73 -32.66 6.72 26.14
CA LYS C 73 -33.63 7.22 27.11
C LYS C 73 -34.92 7.61 26.39
N VAL C 74 -34.82 8.26 25.22
CA VAL C 74 -36.02 8.70 24.51
C VAL C 74 -36.92 7.50 24.23
N LEU C 75 -36.32 6.42 23.72
CA LEU C 75 -37.06 5.19 23.45
C LEU C 75 -37.60 4.58 24.74
N LYS C 76 -36.71 4.34 25.72
CA LYS C 76 -37.06 3.80 27.02
C LYS C 76 -38.30 4.50 27.61
N GLN C 77 -38.45 5.80 27.32
CA GLN C 77 -39.52 6.61 27.90
C GLN C 77 -40.74 6.69 26.99
N ALA C 78 -40.61 6.15 25.76
CA ALA C 78 -41.71 6.12 24.82
C ALA C 78 -42.67 4.99 25.17
N PHE C 79 -43.86 5.36 25.64
CA PHE C 79 -44.82 4.37 26.08
C PHE C 79 -46.15 4.59 25.36
N GLY C 80 -46.11 5.22 24.18
CA GLY C 80 -47.29 5.33 23.36
C GLY C 80 -47.70 3.97 22.81
N GLU C 81 -48.79 3.97 22.03
CA GLU C 81 -49.24 2.75 21.36
C GLU C 81 -48.19 2.34 20.33
N LYS C 82 -47.85 3.26 19.41
CA LYS C 82 -46.83 2.99 18.38
C LYS C 82 -45.57 3.80 18.65
N ILE C 83 -44.50 3.43 17.95
CA ILE C 83 -43.26 4.19 17.90
C ILE C 83 -42.86 4.37 16.44
N THR C 84 -42.95 5.61 15.94
CA THR C 84 -42.55 5.94 14.58
C THR C 84 -41.07 6.33 14.58
N MET C 85 -40.30 5.73 13.65
CA MET C 85 -38.94 6.16 13.36
C MET C 85 -38.82 6.43 11.86
N THR C 86 -38.06 7.46 11.49
CA THR C 86 -37.76 7.73 10.10
C THR C 86 -36.32 7.30 9.82
N ILE C 87 -36.16 6.35 8.90
CA ILE C 87 -34.91 5.70 8.59
C ILE C 87 -34.38 6.15 7.23
N ARG C 88 -33.06 6.37 7.16
CA ARG C 88 -32.28 6.29 5.94
C ARG C 88 -31.45 5.02 5.98
N ASP C 89 -31.34 4.35 4.82
CA ASP C 89 -30.91 2.98 4.71
C ASP C 89 -29.39 2.92 4.57
N ARG C 90 -28.77 2.19 5.49
CA ARG C 90 -27.36 1.85 5.53
C ARG C 90 -26.48 2.82 4.74
N PRO C 91 -26.44 4.11 5.16
CA PRO C 91 -25.79 5.18 4.40
C PRO C 91 -24.28 5.08 4.19
N PHE C 92 -23.61 4.32 5.07
CA PHE C 92 -22.17 4.17 5.04
C PHE C 92 -21.82 2.88 4.31
N GLU C 93 -22.81 2.22 3.72
CA GLU C 93 -22.59 0.89 3.19
C GLU C 93 -22.85 0.93 1.70
N ARG C 94 -22.16 0.02 0.99
N ARG C 94 -22.20 -0.02 1.00
CA ARG C 94 -22.39 -0.25 -0.42
CA ARG C 94 -22.43 -0.24 -0.43
C ARG C 94 -22.47 -1.76 -0.63
C ARG C 94 -22.43 -1.75 -0.68
N THR C 95 -23.26 -2.20 -1.62
CA THR C 95 -23.33 -3.60 -2.02
C THR C 95 -22.60 -3.82 -3.35
N ILE C 96 -21.67 -4.78 -3.36
CA ILE C 96 -20.95 -5.21 -4.54
C ILE C 96 -21.43 -6.61 -4.91
N THR C 97 -21.54 -6.88 -6.21
CA THR C 97 -21.98 -8.17 -6.70
C THR C 97 -20.92 -8.78 -7.63
N MET C 98 -20.56 -10.03 -7.34
CA MET C 98 -19.46 -10.69 -7.99
C MET C 98 -19.91 -12.08 -8.41
N HIS C 99 -19.30 -12.63 -9.47
CA HIS C 99 -19.58 -13.98 -9.92
C HIS C 99 -18.39 -14.86 -9.56
N LYS C 100 -18.59 -15.90 -8.74
CA LYS C 100 -17.56 -16.89 -8.53
C LYS C 100 -17.04 -17.40 -9.88
N ASP C 101 -15.74 -17.72 -9.90
CA ASP C 101 -15.10 -18.44 -10.99
C ASP C 101 -15.49 -19.92 -10.95
N SER C 102 -14.84 -20.71 -11.82
CA SER C 102 -15.01 -22.15 -11.93
C SER C 102 -14.86 -22.85 -10.58
N THR C 103 -13.76 -22.52 -9.90
CA THR C 103 -13.36 -23.19 -8.67
C THR C 103 -14.13 -22.65 -7.47
N GLY C 104 -15.08 -21.73 -7.70
CA GLY C 104 -16.02 -21.27 -6.68
C GLY C 104 -15.46 -20.12 -5.85
N HIS C 105 -14.60 -19.31 -6.48
CA HIS C 105 -13.86 -18.26 -5.83
C HIS C 105 -14.27 -16.89 -6.38
N VAL C 106 -14.65 -15.98 -5.46
CA VAL C 106 -15.00 -14.60 -5.78
C VAL C 106 -13.74 -13.79 -6.11
N GLY C 107 -12.79 -13.79 -5.17
CA GLY C 107 -11.42 -13.37 -5.41
C GLY C 107 -10.88 -12.41 -4.35
N PHE C 108 -11.21 -12.62 -3.07
CA PHE C 108 -10.69 -11.77 -2.00
C PHE C 108 -10.35 -12.55 -0.73
N ILE C 109 -9.65 -11.86 0.17
CA ILE C 109 -9.07 -12.41 1.39
C ILE C 109 -9.46 -11.49 2.54
N PHE C 110 -9.70 -12.06 3.72
CA PHE C 110 -10.27 -11.28 4.81
C PHE C 110 -9.94 -11.90 6.16
N LYS C 111 -10.01 -11.07 7.20
CA LYS C 111 -9.52 -11.39 8.53
C LYS C 111 -10.28 -10.50 9.51
N ASN C 112 -10.96 -11.09 10.48
CA ASN C 112 -11.91 -10.37 11.31
C ASN C 112 -13.00 -9.76 10.43
N GLY C 113 -13.35 -10.42 9.33
CA GLY C 113 -14.51 -10.03 8.53
C GLY C 113 -14.26 -8.72 7.79
N LYS C 114 -12.98 -8.48 7.48
CA LYS C 114 -12.47 -7.26 6.91
C LYS C 114 -11.56 -7.61 5.74
N ILE C 115 -11.84 -7.01 4.58
CA ILE C 115 -11.19 -7.45 3.35
C ILE C 115 -9.77 -6.88 3.34
N THR C 116 -8.80 -7.72 2.95
CA THR C 116 -7.40 -7.34 3.07
C THR C 116 -6.63 -7.58 1.76
N SER C 117 -7.26 -8.24 0.77
CA SER C 117 -6.53 -8.52 -0.46
C SER C 117 -7.52 -8.81 -1.59
N ILE C 118 -7.17 -8.42 -2.82
CA ILE C 118 -8.01 -8.67 -3.98
C ILE C 118 -7.20 -9.43 -5.00
N VAL C 119 -7.77 -10.52 -5.51
CA VAL C 119 -7.10 -11.39 -6.46
C VAL C 119 -7.14 -10.74 -7.83
N LYS C 120 -5.99 -10.74 -8.53
CA LYS C 120 -5.94 -10.18 -9.87
C LYS C 120 -6.85 -10.98 -10.80
N ASP C 121 -7.52 -10.26 -11.72
CA ASP C 121 -8.39 -10.81 -12.75
C ASP C 121 -9.56 -11.59 -12.14
N SER C 122 -9.87 -11.35 -10.86
CA SER C 122 -11.03 -11.97 -10.24
C SER C 122 -12.28 -11.11 -10.46
N SER C 123 -13.44 -11.63 -10.04
CA SER C 123 -14.67 -10.85 -10.09
C SER C 123 -14.63 -9.72 -9.06
N ALA C 124 -13.88 -9.90 -7.97
CA ALA C 124 -13.69 -8.86 -6.98
C ALA C 124 -12.99 -7.65 -7.61
N ALA C 125 -12.01 -7.93 -8.48
CA ALA C 125 -11.25 -6.88 -9.14
C ALA C 125 -12.07 -6.22 -10.25
N ARG C 126 -12.81 -7.00 -11.05
CA ARG C 126 -13.61 -6.44 -12.14
C ARG C 126 -14.71 -5.54 -11.58
N ASN C 127 -15.09 -5.75 -10.31
CA ASN C 127 -16.16 -4.95 -9.73
C ASN C 127 -15.60 -3.94 -8.71
N GLY C 128 -14.27 -3.88 -8.55
CA GLY C 128 -13.63 -2.89 -7.72
C GLY C 128 -14.05 -2.96 -6.25
N LEU C 129 -14.05 -4.19 -5.73
CA LEU C 129 -14.06 -4.42 -4.29
C LEU C 129 -12.79 -3.82 -3.67
N LEU C 130 -12.94 -3.23 -2.48
CA LEU C 130 -11.88 -2.50 -1.82
C LEU C 130 -11.41 -3.22 -0.56
N THR C 131 -10.11 -3.08 -0.23
CA THR C 131 -9.57 -3.50 1.06
C THR C 131 -9.90 -2.45 2.11
N GLU C 132 -9.75 -2.82 3.39
CA GLU C 132 -10.07 -1.95 4.51
C GLU C 132 -11.57 -1.68 4.57
N HIS C 133 -12.38 -2.67 4.22
CA HIS C 133 -13.81 -2.59 4.41
C HIS C 133 -14.30 -3.80 5.21
N ASN C 134 -15.22 -3.56 6.17
CA ASN C 134 -15.84 -4.64 6.91
C ASN C 134 -17.07 -5.18 6.19
N ILE C 135 -17.06 -6.49 5.93
CA ILE C 135 -18.20 -7.25 5.44
C ILE C 135 -19.33 -7.11 6.46
N CYS C 136 -20.44 -6.50 6.04
CA CYS C 136 -21.57 -6.29 6.93
C CYS C 136 -22.63 -7.32 6.64
N GLU C 137 -22.78 -7.65 5.34
CA GLU C 137 -23.81 -8.56 4.91
C GLU C 137 -23.27 -9.39 3.76
N ILE C 138 -23.83 -10.60 3.60
CA ILE C 138 -23.73 -11.40 2.39
C ILE C 138 -25.15 -11.80 1.95
N ASN C 139 -25.48 -11.49 0.69
CA ASN C 139 -26.77 -11.74 0.08
C ASN C 139 -27.88 -11.27 1.01
N GLY C 140 -27.69 -10.11 1.62
CA GLY C 140 -28.70 -9.53 2.49
C GLY C 140 -28.67 -10.10 3.91
N GLN C 141 -27.67 -10.94 4.21
CA GLN C 141 -27.62 -11.56 5.52
C GLN C 141 -26.52 -10.89 6.35
N ASN C 142 -26.95 -10.24 7.43
CA ASN C 142 -26.00 -9.67 8.40
C ASN C 142 -25.07 -10.78 8.87
N VAL C 143 -23.75 -10.56 8.78
CA VAL C 143 -22.79 -11.50 9.33
C VAL C 143 -21.88 -10.84 10.34
N ILE C 144 -22.43 -9.91 11.12
CA ILE C 144 -21.59 -9.16 12.03
C ILE C 144 -21.48 -9.92 13.33
N GLY C 145 -20.26 -10.42 13.60
CA GLY C 145 -19.96 -11.26 14.77
C GLY C 145 -19.38 -12.61 14.37
N LEU C 146 -19.90 -13.17 13.27
CA LEU C 146 -19.59 -14.52 12.84
C LEU C 146 -18.09 -14.63 12.52
N LYS C 147 -17.52 -15.79 12.79
CA LYS C 147 -16.08 -16.00 12.71
C LYS C 147 -15.69 -16.11 11.24
N ASP C 148 -14.41 -15.97 10.92
CA ASP C 148 -14.00 -16.04 9.53
C ASP C 148 -14.56 -17.30 8.89
N SER C 149 -14.63 -18.38 9.69
CA SER C 149 -15.07 -19.69 9.22
C SER C 149 -16.57 -19.67 8.94
N GLN C 150 -17.35 -19.06 9.84
CA GLN C 150 -18.79 -19.00 9.64
C GLN C 150 -19.05 -18.22 8.34
N ILE C 151 -18.35 -17.10 8.19
CA ILE C 151 -18.49 -16.24 7.04
C ILE C 151 -18.15 -17.01 5.78
N ALA C 152 -16.98 -17.66 5.77
CA ALA C 152 -16.51 -18.41 4.62
C ALA C 152 -17.44 -19.59 4.30
N ASP C 153 -18.14 -20.12 5.31
CA ASP C 153 -19.10 -21.19 5.09
C ASP C 153 -20.19 -20.66 4.18
N ILE C 154 -20.74 -19.51 4.60
CA ILE C 154 -21.83 -18.80 3.94
C ILE C 154 -21.42 -18.42 2.52
N LEU C 155 -20.14 -18.04 2.37
CA LEU C 155 -19.58 -17.72 1.07
C LEU C 155 -19.59 -18.94 0.16
N SER C 156 -19.39 -20.13 0.74
CA SER C 156 -19.46 -21.37 -0.03
C SER C 156 -20.92 -21.69 -0.33
N THR C 157 -21.78 -21.65 0.71
CA THR C 157 -23.19 -22.02 0.58
C THR C 157 -23.92 -21.11 -0.42
N SER C 158 -23.48 -19.86 -0.55
CA SER C 158 -24.08 -18.95 -1.52
C SER C 158 -23.90 -19.52 -2.92
N GLY C 159 -24.53 -18.87 -3.89
CA GLY C 159 -24.51 -19.36 -5.25
C GLY C 159 -23.22 -18.94 -5.96
N THR C 160 -23.28 -18.93 -7.29
CA THR C 160 -22.22 -18.39 -8.11
C THR C 160 -22.15 -16.89 -7.90
N VAL C 161 -23.32 -16.30 -7.66
CA VAL C 161 -23.51 -14.87 -7.72
C VAL C 161 -23.67 -14.34 -6.29
N VAL C 162 -22.63 -13.66 -5.79
CA VAL C 162 -22.54 -13.26 -4.39
C VAL C 162 -22.67 -11.74 -4.30
N THR C 163 -23.40 -11.24 -3.29
CA THR C 163 -23.52 -9.81 -3.08
C THR C 163 -23.03 -9.46 -1.67
N ILE C 164 -21.92 -8.71 -1.57
CA ILE C 164 -21.37 -8.34 -0.28
C ILE C 164 -21.72 -6.89 0.01
N THR C 165 -22.27 -6.61 1.20
CA THR C 165 -22.45 -5.26 1.69
C THR C 165 -21.25 -4.84 2.52
N ILE C 166 -20.42 -3.92 1.99
CA ILE C 166 -19.25 -3.46 2.71
C ILE C 166 -19.46 -2.07 3.28
N MET C 167 -18.64 -1.77 4.30
CA MET C 167 -18.60 -0.52 5.02
C MET C 167 -17.12 -0.18 5.26
N PRO C 168 -16.66 1.07 5.04
CA PRO C 168 -15.25 1.42 5.31
C PRO C 168 -14.83 1.03 6.73
N ALA C 169 -13.73 0.30 6.83
CA ALA C 169 -13.29 -0.26 8.11
C ALA C 169 -13.36 0.75 9.25
N PHE C 170 -12.93 2.00 9.01
N PHE C 170 -12.91 2.00 9.02
CA PHE C 170 -12.79 2.96 10.11
CA PHE C 170 -12.78 3.00 10.08
C PHE C 170 -14.16 3.44 10.58
C PHE C 170 -14.17 3.41 10.59
N ILE C 171 -15.19 3.36 9.73
CA ILE C 171 -16.54 3.75 10.13
C ILE C 171 -17.16 2.57 10.84
N PHE C 172 -16.73 1.37 10.45
CA PHE C 172 -17.19 0.17 11.11
C PHE C 172 -16.68 0.14 12.55
N GLU C 173 -15.37 0.32 12.75
CA GLU C 173 -14.76 0.33 14.08
C GLU C 173 -15.45 1.36 14.96
N HIS C 174 -15.84 2.49 14.38
CA HIS C 174 -16.45 3.52 15.19
C HIS C 174 -17.78 3.01 15.70
N ILE C 175 -18.57 2.38 14.83
CA ILE C 175 -19.94 2.02 15.18
C ILE C 175 -19.96 1.00 16.32
N ILE C 176 -19.03 0.03 16.31
CA ILE C 176 -19.10 -1.09 17.24
C ILE C 176 -18.52 -0.74 18.61
N LYS C 177 -17.89 0.44 18.75
CA LYS C 177 -17.55 1.01 20.04
C LYS C 177 -18.80 1.08 20.92
N ARG C 178 -18.57 1.13 22.25
CA ARG C 178 -19.61 1.07 23.28
C ARG C 178 -20.32 -0.27 23.23
N MET C 179 -19.57 -1.29 22.78
CA MET C 179 -20.11 -2.62 22.62
C MET C 179 -18.98 -3.63 22.71
N ALA C 180 -19.19 -4.63 23.56
CA ALA C 180 -18.23 -5.70 23.79
C ALA C 180 -18.45 -6.79 22.73
N PRO C 181 -17.38 -7.34 22.12
CA PRO C 181 -17.53 -8.42 21.13
C PRO C 181 -18.36 -9.63 21.53
N SER C 182 -18.43 -9.91 22.83
CA SER C 182 -19.24 -11.01 23.37
C SER C 182 -20.74 -10.76 23.13
N ILE C 183 -21.18 -9.51 23.36
CA ILE C 183 -22.58 -9.13 23.19
C ILE C 183 -22.92 -9.05 21.70
N MET C 184 -21.97 -8.57 20.91
CA MET C 184 -22.21 -8.36 19.50
C MET C 184 -22.41 -9.71 18.82
N LYS C 185 -21.55 -10.66 19.16
CA LYS C 185 -21.59 -11.97 18.56
C LYS C 185 -22.87 -12.69 18.98
N SER C 186 -23.36 -12.38 20.17
CA SER C 186 -24.42 -13.16 20.80
C SER C 186 -25.80 -12.74 20.33
N LEU C 187 -26.07 -11.42 20.30
CA LEU C 187 -27.42 -10.88 20.13
C LEU C 187 -27.72 -10.52 18.67
N MET C 188 -26.67 -10.14 17.94
CA MET C 188 -26.78 -9.48 16.64
C MET C 188 -27.61 -10.33 15.68
N ASP C 189 -28.74 -9.76 15.24
CA ASP C 189 -29.63 -10.40 14.29
C ASP C 189 -28.81 -10.90 13.10
N HIS C 190 -28.96 -12.20 12.80
CA HIS C 190 -28.43 -12.80 11.59
C HIS C 190 -29.53 -13.61 10.90
N THR C 191 -30.79 -13.19 11.14
CA THR C 191 -31.97 -13.72 10.48
C THR C 191 -31.75 -13.83 8.98
N ILE C 192 -32.53 -14.70 8.34
CA ILE C 192 -32.86 -14.59 6.93
C ILE C 192 -34.35 -14.34 6.84
N PRO C 193 -34.80 -13.08 6.62
CA PRO C 193 -36.21 -12.76 6.84
C PRO C 193 -37.13 -13.45 5.84
N GLU C 194 -36.61 -13.62 4.61
CA GLU C 194 -37.41 -14.05 3.48
C GLU C 194 -36.53 -14.79 2.50
N VAL C 195 -37.18 -15.58 1.63
CA VAL C 195 -36.49 -16.31 0.58
C VAL C 195 -37.32 -16.17 -0.70
N ILE D 5 10.62 -38.32 8.44
CA ILE D 5 11.40 -39.15 9.42
C ILE D 5 11.26 -40.61 8.99
N LYS D 6 12.39 -41.33 8.88
CA LYS D 6 12.38 -42.69 8.37
C LYS D 6 13.19 -43.61 9.29
N GLN D 7 12.47 -44.39 10.11
CA GLN D 7 13.09 -45.39 10.99
C GLN D 7 13.99 -46.32 10.15
N GLY D 8 15.23 -45.87 9.98
CA GLY D 8 16.26 -46.65 9.29
C GLY D 8 17.60 -45.96 9.42
N ILE D 9 18.65 -46.69 9.02
CA ILE D 9 20.01 -46.16 8.99
C ILE D 9 20.43 -45.99 7.51
N ARG D 10 20.87 -44.80 7.11
CA ARG D 10 21.30 -44.61 5.73
C ARG D 10 22.79 -44.23 5.68
N GLU D 11 23.60 -45.09 5.04
CA GLU D 11 24.95 -44.74 4.66
C GLU D 11 24.91 -43.65 3.59
N VAL D 12 25.76 -42.61 3.76
CA VAL D 12 25.99 -41.64 2.71
C VAL D 12 27.49 -41.54 2.44
N ILE D 13 27.80 -41.10 1.19
CA ILE D 13 29.13 -40.85 0.68
C ILE D 13 29.21 -39.39 0.23
N LEU D 14 30.23 -38.67 0.70
CA LEU D 14 30.43 -37.28 0.37
C LEU D 14 31.80 -37.12 -0.26
N CYS D 15 32.08 -35.89 -0.69
CA CYS D 15 33.42 -35.42 -0.98
C CYS D 15 33.52 -33.99 -0.49
N LYS D 16 34.74 -33.57 -0.13
CA LYS D 16 34.95 -32.22 0.35
C LYS D 16 34.78 -31.26 -0.83
N ASP D 17 34.55 -29.98 -0.52
CA ASP D 17 34.60 -28.93 -1.52
C ASP D 17 36.03 -28.39 -1.53
N GLN D 18 36.31 -27.41 -2.40
CA GLN D 18 37.68 -26.97 -2.66
C GLN D 18 38.36 -26.43 -1.38
N ASP D 19 37.62 -25.86 -0.42
CA ASP D 19 38.23 -25.41 0.83
C ASP D 19 38.34 -26.52 1.88
N GLY D 20 38.05 -27.77 1.48
CA GLY D 20 38.13 -28.91 2.38
C GLY D 20 36.95 -29.03 3.34
N LYS D 21 35.81 -28.44 2.98
CA LYS D 21 34.64 -28.38 3.86
C LYS D 21 33.65 -29.46 3.45
N ILE D 22 32.81 -29.87 4.40
CA ILE D 22 31.64 -30.69 4.09
C ILE D 22 30.38 -29.85 4.33
N GLY D 23 30.52 -28.73 5.05
CA GLY D 23 29.38 -27.89 5.39
C GLY D 23 28.45 -28.62 6.36
N LEU D 24 29.02 -29.08 7.49
CA LEU D 24 28.30 -29.47 8.69
C LEU D 24 28.82 -28.64 9.86
N ARG D 25 27.96 -28.49 10.88
CA ARG D 25 28.39 -28.30 12.25
C ARG D 25 27.82 -29.42 13.12
N LEU D 26 28.43 -29.63 14.29
CA LEU D 26 28.06 -30.78 15.10
C LEU D 26 27.97 -30.39 16.58
N LYS D 27 27.14 -31.14 17.32
CA LYS D 27 27.03 -30.96 18.75
C LYS D 27 26.85 -32.34 19.38
N SER D 28 27.59 -32.59 20.48
CA SER D 28 27.43 -33.77 21.33
C SER D 28 26.12 -33.61 22.08
N ILE D 29 25.32 -34.67 22.07
CA ILE D 29 24.10 -34.71 22.86
C ILE D 29 23.86 -36.15 23.31
N ASP D 30 23.77 -36.33 24.63
CA ASP D 30 23.47 -37.62 25.23
C ASP D 30 24.44 -38.70 24.68
N ASN D 31 25.71 -38.31 24.43
CA ASN D 31 26.79 -39.17 23.95
C ASN D 31 26.63 -39.57 22.48
N GLY D 32 25.59 -39.04 21.82
CA GLY D 32 25.52 -39.11 20.38
C GLY D 32 26.19 -37.89 19.79
N ILE D 33 26.38 -37.93 18.45
CA ILE D 33 26.74 -36.74 17.68
C ILE D 33 25.55 -36.39 16.78
N PHE D 34 25.24 -35.10 16.74
CA PHE D 34 24.07 -34.59 16.04
C PHE D 34 24.42 -33.37 15.20
N VAL D 35 23.81 -33.29 14.03
CA VAL D 35 24.01 -32.14 13.16
C VAL D 35 23.28 -30.93 13.75
N GLN D 36 24.06 -29.97 14.18
CA GLN D 36 23.58 -28.65 14.54
C GLN D 36 23.33 -27.83 13.28
N LEU D 37 23.85 -28.25 12.10
CA LEU D 37 23.80 -27.44 10.88
C LEU D 37 24.17 -28.20 9.61
N VAL D 38 23.28 -28.12 8.61
CA VAL D 38 23.64 -28.45 7.22
C VAL D 38 23.82 -27.11 6.51
N GLN D 39 24.92 -26.93 5.76
CA GLN D 39 25.11 -25.72 4.95
C GLN D 39 24.42 -25.84 3.58
N ALA D 40 23.79 -24.71 3.19
CA ALA D 40 23.38 -24.47 1.81
C ALA D 40 24.60 -24.59 0.91
N ASN D 41 24.46 -25.35 -0.18
CA ASN D 41 25.51 -25.49 -1.18
C ASN D 41 26.59 -26.45 -0.69
N SER D 42 26.46 -26.96 0.54
CA SER D 42 27.44 -27.89 1.10
C SER D 42 27.34 -29.25 0.41
N PRO D 43 28.48 -29.98 0.28
CA PRO D 43 28.42 -31.39 -0.12
C PRO D 43 27.60 -32.25 0.85
N ALA D 44 27.40 -31.75 2.08
CA ALA D 44 26.45 -32.36 3.00
C ALA D 44 25.07 -32.36 2.37
N SER D 45 24.45 -31.16 2.26
CA SER D 45 23.15 -31.00 1.63
C SER D 45 23.02 -31.90 0.40
N LEU D 46 23.85 -31.63 -0.62
CA LEU D 46 23.73 -32.35 -1.88
C LEU D 46 23.50 -33.86 -1.68
N VAL D 47 24.11 -34.52 -0.69
CA VAL D 47 23.88 -35.96 -0.51
C VAL D 47 22.65 -36.22 0.39
N GLY D 48 22.08 -35.18 1.02
CA GLY D 48 20.80 -35.33 1.73
C GLY D 48 20.96 -35.49 3.24
N LEU D 49 21.88 -34.71 3.81
CA LEU D 49 21.97 -34.56 5.25
C LEU D 49 21.06 -33.41 5.66
N ARG D 50 20.48 -33.58 6.87
CA ARG D 50 19.57 -32.63 7.49
C ARG D 50 19.89 -32.43 8.97
N PHE D 51 19.71 -31.17 9.41
CA PHE D 51 19.78 -30.73 10.80
C PHE D 51 19.07 -31.71 11.72
N GLY D 52 19.69 -31.97 12.88
CA GLY D 52 19.19 -32.94 13.85
C GLY D 52 19.36 -34.39 13.39
N ASP D 53 20.17 -34.65 12.35
CA ASP D 53 20.46 -36.03 12.02
C ASP D 53 21.57 -36.52 12.97
N GLN D 54 21.55 -37.81 13.23
CA GLN D 54 22.58 -38.40 14.07
C GLN D 54 23.66 -38.92 13.13
N VAL D 55 24.90 -38.46 13.34
CA VAL D 55 26.06 -39.08 12.73
C VAL D 55 26.48 -40.25 13.60
N LEU D 56 26.33 -41.48 13.11
CA LEU D 56 26.72 -42.64 13.89
C LEU D 56 28.22 -42.90 13.68
N GLN D 57 28.54 -43.83 12.77
CA GLN D 57 29.90 -44.07 12.31
C GLN D 57 30.36 -42.88 11.48
N ILE D 58 31.68 -42.63 11.48
CA ILE D 58 32.42 -41.98 10.41
C ILE D 58 33.57 -42.90 10.00
N ASN D 59 33.57 -43.24 8.70
CA ASN D 59 34.64 -44.00 8.11
C ASN D 59 34.82 -45.26 8.94
N GLY D 60 33.69 -45.86 9.36
CA GLY D 60 33.70 -47.01 10.24
C GLY D 60 33.71 -46.61 11.72
N GLU D 61 34.41 -45.52 12.04
CA GLU D 61 34.60 -45.07 13.41
C GLU D 61 33.29 -44.60 14.03
N ASN D 62 32.76 -45.39 14.97
CA ASN D 62 31.65 -45.00 15.83
C ASN D 62 31.89 -43.66 16.54
N CYS D 63 30.97 -42.70 16.37
CA CYS D 63 31.06 -41.38 16.98
C CYS D 63 30.54 -41.36 18.42
N ALA D 64 30.20 -42.54 18.95
CA ALA D 64 29.60 -42.67 20.26
C ALA D 64 30.54 -42.15 21.34
N GLY D 65 30.25 -40.96 21.86
CA GLY D 65 30.93 -40.43 23.04
C GLY D 65 31.78 -39.21 22.72
N TRP D 66 32.02 -38.96 21.42
CA TRP D 66 32.96 -37.91 21.06
C TRP D 66 32.41 -36.57 21.53
N SER D 67 33.30 -35.69 21.99
CA SER D 67 32.87 -34.32 22.20
C SER D 67 32.57 -33.75 20.83
N SER D 68 32.13 -32.47 20.80
CA SER D 68 31.95 -31.74 19.56
C SER D 68 33.32 -31.50 18.95
N ASP D 69 34.18 -30.81 19.74
CA ASP D 69 35.56 -30.50 19.40
C ASP D 69 36.23 -31.67 18.68
N LYS D 70 36.09 -32.86 19.25
CA LYS D 70 36.67 -34.02 18.61
C LYS D 70 36.10 -34.10 17.20
N ALA D 71 34.80 -34.41 17.12
CA ALA D 71 34.17 -34.88 15.88
C ALA D 71 34.36 -33.87 14.75
N HIS D 72 34.51 -32.58 15.08
CA HIS D 72 35.00 -31.64 14.09
C HIS D 72 36.32 -32.15 13.54
N LYS D 73 37.40 -32.01 14.33
CA LYS D 73 38.74 -32.30 13.86
C LYS D 73 38.78 -33.68 13.20
N VAL D 74 38.04 -34.66 13.73
CA VAL D 74 38.03 -35.99 13.12
C VAL D 74 37.53 -35.91 11.68
N LEU D 75 36.86 -34.81 11.30
CA LEU D 75 36.40 -34.60 9.93
C LEU D 75 37.35 -33.67 9.18
N LYS D 76 37.86 -32.64 9.86
CA LYS D 76 38.86 -31.79 9.25
C LYS D 76 39.98 -32.68 8.68
N GLN D 77 40.59 -33.50 9.53
CA GLN D 77 41.78 -34.25 9.17
C GLN D 77 41.42 -35.59 8.49
N ALA D 78 40.38 -35.58 7.63
CA ALA D 78 40.07 -36.73 6.78
C ALA D 78 40.54 -36.43 5.35
N PHE D 79 40.47 -37.45 4.48
CA PHE D 79 41.05 -37.38 3.15
C PHE D 79 40.15 -36.58 2.20
N GLY D 80 40.80 -35.93 1.23
CA GLY D 80 40.18 -34.93 0.37
C GLY D 80 38.85 -35.38 -0.22
N GLU D 81 38.78 -36.64 -0.66
CA GLU D 81 37.61 -37.16 -1.37
C GLU D 81 36.71 -37.91 -0.39
N LYS D 82 36.68 -39.25 -0.48
CA LYS D 82 35.54 -40.06 -0.06
C LYS D 82 35.43 -40.27 1.44
N ILE D 83 34.27 -39.88 1.99
CA ILE D 83 33.92 -39.98 3.41
C ILE D 83 32.62 -40.80 3.55
N THR D 84 32.70 -41.99 4.13
CA THR D 84 31.50 -42.73 4.49
C THR D 84 30.95 -42.19 5.80
N MET D 85 29.67 -41.78 5.77
CA MET D 85 28.94 -41.35 6.95
C MET D 85 27.66 -42.18 7.09
N THR D 86 27.69 -43.16 7.98
CA THR D 86 26.47 -43.81 8.43
C THR D 86 25.69 -42.75 9.22
N ILE D 87 24.34 -42.75 9.06
CA ILE D 87 23.46 -41.68 9.53
C ILE D 87 22.15 -42.27 10.01
N ARG D 88 21.58 -41.69 11.08
CA ARG D 88 20.25 -42.03 11.55
C ARG D 88 19.34 -40.84 11.31
N ASP D 89 18.11 -41.14 10.84
CA ASP D 89 17.23 -40.12 10.28
C ASP D 89 16.54 -39.35 11.40
N ARG D 90 16.95 -38.08 11.54
CA ARG D 90 16.31 -37.09 12.41
C ARG D 90 15.58 -37.76 13.57
N PRO D 91 16.31 -38.24 14.60
CA PRO D 91 15.71 -39.01 15.68
C PRO D 91 14.95 -38.21 16.74
N PHE D 92 15.32 -36.95 16.98
CA PHE D 92 14.69 -36.10 18.01
C PHE D 92 13.50 -35.30 17.50
N GLU D 93 12.93 -35.71 16.35
CA GLU D 93 12.08 -34.87 15.52
C GLU D 93 10.89 -35.69 15.04
N ARG D 94 9.72 -35.03 14.86
CA ARG D 94 8.51 -35.71 14.41
C ARG D 94 7.79 -34.88 13.35
N THR D 95 7.07 -35.53 12.43
CA THR D 95 6.35 -34.82 11.37
C THR D 95 4.83 -34.94 11.56
N ILE D 96 4.10 -33.82 11.51
CA ILE D 96 2.66 -33.81 11.71
C ILE D 96 1.95 -33.30 10.44
N THR D 97 1.17 -34.18 9.78
CA THR D 97 0.34 -33.85 8.62
C THR D 97 -1.00 -33.21 9.04
N MET D 98 -1.20 -31.93 8.64
CA MET D 98 -2.42 -31.16 8.87
C MET D 98 -3.02 -30.66 7.55
N HIS D 99 -4.36 -30.57 7.46
CA HIS D 99 -5.04 -29.98 6.31
C HIS D 99 -5.51 -28.56 6.69
N LYS D 100 -5.43 -27.65 5.73
CA LYS D 100 -5.69 -26.24 6.00
C LYS D 100 -7.22 -26.05 6.05
N ASP D 101 -7.69 -25.06 6.83
CA ASP D 101 -9.13 -24.92 7.00
C ASP D 101 -9.64 -24.05 5.84
N SER D 102 -10.79 -23.39 6.07
CA SER D 102 -11.38 -22.52 5.07
C SER D 102 -10.71 -21.15 5.11
N THR D 103 -10.23 -20.74 6.29
CA THR D 103 -9.54 -19.47 6.45
C THR D 103 -8.03 -19.66 6.41
N GLY D 104 -7.53 -20.57 5.55
CA GLY D 104 -6.10 -20.79 5.34
C GLY D 104 -5.37 -21.58 6.42
N HIS D 105 -5.98 -21.64 7.64
CA HIS D 105 -5.30 -21.99 8.88
C HIS D 105 -5.31 -23.49 9.15
N VAL D 106 -4.49 -23.86 10.15
CA VAL D 106 -4.36 -25.21 10.64
C VAL D 106 -4.38 -25.24 12.17
N GLY D 107 -4.16 -24.08 12.81
CA GLY D 107 -4.71 -23.80 14.11
C GLY D 107 -3.70 -23.87 15.26
N PHE D 108 -2.83 -22.86 15.38
CA PHE D 108 -1.93 -22.75 16.53
C PHE D 108 -1.16 -21.43 16.56
N ILE D 109 -0.73 -21.03 17.77
CA ILE D 109 -0.03 -19.78 17.99
C ILE D 109 1.42 -20.08 18.36
N PHE D 110 2.37 -19.63 17.51
CA PHE D 110 3.76 -19.97 17.65
C PHE D 110 4.64 -18.73 17.73
N LYS D 111 5.19 -18.51 18.93
CA LYS D 111 6.19 -17.49 19.19
C LYS D 111 7.61 -18.08 19.22
N ASN D 112 8.57 -17.31 18.70
CA ASN D 112 10.00 -17.59 18.74
C ASN D 112 10.30 -19.00 18.20
N GLY D 113 9.50 -19.44 17.24
CA GLY D 113 9.67 -20.76 16.62
C GLY D 113 9.00 -21.90 17.41
N LYS D 114 8.70 -21.62 18.69
CA LYS D 114 8.16 -22.61 19.60
C LYS D 114 6.63 -22.51 19.65
N ILE D 115 5.94 -23.63 19.38
CA ILE D 115 4.48 -23.72 19.49
C ILE D 115 4.07 -23.55 20.95
N THR D 116 2.98 -22.79 21.16
CA THR D 116 2.64 -22.26 22.48
C THR D 116 1.18 -22.43 22.85
N SER D 117 0.26 -22.45 21.88
CA SER D 117 -1.11 -22.78 22.19
C SER D 117 -1.75 -23.46 21.00
N ILE D 118 -2.54 -24.51 21.27
CA ILE D 118 -3.29 -25.21 20.22
C ILE D 118 -4.73 -24.68 20.25
N VAL D 119 -5.30 -24.62 19.05
CA VAL D 119 -6.60 -24.05 18.81
C VAL D 119 -7.61 -25.16 18.73
N LYS D 120 -8.65 -25.04 19.55
CA LYS D 120 -9.71 -26.02 19.72
C LYS D 120 -10.38 -26.32 18.38
N ASP D 121 -10.61 -27.61 18.14
CA ASP D 121 -11.36 -28.08 16.99
C ASP D 121 -10.67 -27.61 15.71
N SER D 122 -9.34 -27.37 15.79
CA SER D 122 -8.52 -27.11 14.63
C SER D 122 -7.87 -28.40 14.13
N SER D 123 -7.15 -28.28 13.02
CA SER D 123 -6.42 -29.40 12.43
C SER D 123 -5.17 -29.71 13.26
N ALA D 124 -4.60 -28.69 13.90
CA ALA D 124 -3.54 -28.88 14.87
C ALA D 124 -3.99 -29.83 15.98
N ALA D 125 -5.11 -29.49 16.64
CA ALA D 125 -5.75 -30.33 17.65
C ALA D 125 -5.97 -31.75 17.14
N ARG D 126 -6.79 -31.87 16.09
CA ARG D 126 -7.21 -33.16 15.57
C ARG D 126 -6.05 -34.14 15.37
N ASN D 127 -4.86 -33.65 15.02
CA ASN D 127 -3.69 -34.49 14.75
C ASN D 127 -2.65 -34.37 15.88
N GLY D 128 -2.99 -33.67 16.96
CA GLY D 128 -2.25 -33.77 18.21
C GLY D 128 -0.88 -33.11 18.14
N LEU D 129 -0.87 -31.85 17.72
CA LEU D 129 0.32 -31.03 17.81
C LEU D 129 0.51 -30.63 19.26
N LEU D 130 1.77 -30.48 19.67
CA LEU D 130 2.12 -30.22 21.05
C LEU D 130 2.73 -28.83 21.20
N THR D 131 2.61 -28.25 22.40
CA THR D 131 3.34 -27.06 22.74
C THR D 131 4.68 -27.45 23.35
N GLU D 132 5.44 -26.42 23.77
CA GLU D 132 6.82 -26.58 24.16
C GLU D 132 7.59 -27.41 23.13
N HIS D 133 7.29 -27.21 21.84
CA HIS D 133 8.00 -27.89 20.76
C HIS D 133 8.33 -26.92 19.62
N ASN D 134 9.60 -26.96 19.17
CA ASN D 134 10.12 -26.04 18.15
C ASN D 134 9.93 -26.62 16.77
N ILE D 135 9.91 -25.70 15.78
CA ILE D 135 9.60 -26.02 14.39
C ILE D 135 10.90 -26.23 13.61
N CYS D 136 10.93 -27.33 12.84
CA CYS D 136 12.16 -27.80 12.23
C CYS D 136 12.03 -27.81 10.71
N GLU D 137 10.91 -28.32 10.16
CA GLU D 137 10.80 -28.43 8.71
C GLU D 137 9.34 -28.32 8.28
N ILE D 138 9.13 -27.74 7.09
CA ILE D 138 7.81 -27.61 6.50
C ILE D 138 7.84 -28.28 5.13
N ASN D 139 7.01 -29.33 4.99
CA ASN D 139 6.90 -30.17 3.80
C ASN D 139 8.28 -30.72 3.40
N GLY D 140 9.08 -31.15 4.40
CA GLY D 140 10.46 -31.59 4.20
C GLY D 140 11.51 -30.46 4.24
N GLN D 141 11.07 -29.17 4.33
CA GLN D 141 11.94 -28.02 4.10
C GLN D 141 12.38 -27.35 5.39
N ASN D 142 13.70 -27.27 5.62
CA ASN D 142 14.30 -26.69 6.83
C ASN D 142 13.96 -25.21 6.95
N VAL D 143 13.64 -24.78 8.16
CA VAL D 143 13.13 -23.45 8.44
C VAL D 143 13.72 -22.92 9.75
N ILE D 144 14.76 -23.62 10.23
CA ILE D 144 15.32 -23.35 11.54
C ILE D 144 16.20 -22.11 11.42
N GLY D 145 15.87 -21.09 12.22
CA GLY D 145 16.66 -19.88 12.30
C GLY D 145 15.96 -18.68 11.67
N LEU D 146 15.01 -18.96 10.76
CA LEU D 146 14.31 -17.92 10.01
C LEU D 146 13.53 -17.02 10.98
N LYS D 147 12.44 -16.41 10.50
CA LYS D 147 11.58 -15.58 11.33
C LYS D 147 10.15 -16.12 11.29
N ASP D 148 9.45 -16.08 12.43
CA ASP D 148 8.05 -16.46 12.50
C ASP D 148 7.34 -16.07 11.20
N SER D 149 7.80 -14.94 10.66
CA SER D 149 7.24 -14.28 9.51
C SER D 149 7.44 -15.15 8.26
N GLN D 150 8.69 -15.51 8.03
CA GLN D 150 9.07 -16.36 6.90
C GLN D 150 8.37 -17.71 7.07
N ILE D 151 8.17 -18.09 8.33
CA ILE D 151 7.50 -19.35 8.63
C ILE D 151 6.01 -19.20 8.33
N ALA D 152 5.35 -18.15 8.85
CA ALA D 152 3.97 -17.91 8.47
C ALA D 152 3.82 -18.18 6.96
N ASP D 153 4.81 -17.72 6.18
CA ASP D 153 4.66 -17.61 4.74
C ASP D 153 4.87 -18.97 4.06
N ILE D 154 5.83 -19.76 4.55
CA ILE D 154 6.09 -21.09 4.00
C ILE D 154 4.87 -21.98 4.24
N LEU D 155 4.08 -21.69 5.29
CA LEU D 155 2.82 -22.38 5.53
C LEU D 155 1.81 -21.93 4.47
N SER D 156 1.75 -20.61 4.22
CA SER D 156 0.83 -20.08 3.23
C SER D 156 1.03 -20.89 1.95
N THR D 157 2.28 -20.94 1.46
CA THR D 157 2.59 -21.48 0.14
C THR D 157 2.45 -22.99 0.05
N SER D 158 2.28 -23.67 1.18
CA SER D 158 2.05 -25.11 1.13
C SER D 158 0.76 -25.39 0.39
N GLY D 159 0.67 -26.59 -0.21
CA GLY D 159 -0.63 -27.18 -0.55
C GLY D 159 -1.60 -27.20 0.64
N THR D 160 -2.85 -27.60 0.41
CA THR D 160 -3.76 -27.79 1.53
C THR D 160 -3.05 -28.63 2.60
N VAL D 161 -2.41 -29.72 2.16
CA VAL D 161 -1.70 -30.62 3.04
C VAL D 161 -0.41 -29.92 3.46
N VAL D 162 -0.30 -29.62 4.78
CA VAL D 162 0.82 -28.93 5.42
C VAL D 162 1.50 -29.85 6.44
N THR D 163 2.44 -30.68 5.97
CA THR D 163 3.26 -31.51 6.84
C THR D 163 4.23 -30.59 7.56
N ILE D 164 4.37 -30.70 8.90
CA ILE D 164 5.46 -30.00 9.56
C ILE D 164 6.19 -30.91 10.54
N THR D 165 7.41 -30.48 10.89
CA THR D 165 8.37 -31.31 11.60
C THR D 165 8.76 -30.57 12.88
N ILE D 166 8.67 -31.28 14.02
CA ILE D 166 8.91 -30.63 15.31
C ILE D 166 9.91 -31.39 16.20
N MET D 167 10.46 -30.61 17.16
CA MET D 167 11.40 -31.07 18.16
C MET D 167 10.99 -30.48 19.52
N PRO D 168 10.92 -31.28 20.61
CA PRO D 168 10.77 -30.74 21.97
C PRO D 168 11.68 -29.59 22.40
N ALA D 169 11.11 -28.53 22.97
CA ALA D 169 11.87 -27.33 23.29
C ALA D 169 13.24 -27.65 23.87
N PHE D 170 13.27 -28.31 25.04
N PHE D 170 13.29 -28.31 25.03
CA PHE D 170 14.47 -28.54 25.86
CA PHE D 170 14.52 -28.43 25.82
C PHE D 170 15.60 -29.15 25.02
C PHE D 170 15.61 -29.16 25.04
N ILE D 171 15.25 -30.03 24.08
CA ILE D 171 16.24 -30.67 23.22
C ILE D 171 16.73 -29.67 22.16
N PHE D 172 15.79 -29.08 21.42
CA PHE D 172 16.13 -28.02 20.50
C PHE D 172 17.12 -27.07 21.15
N GLU D 173 16.75 -26.56 22.33
CA GLU D 173 17.59 -25.59 23.02
C GLU D 173 18.96 -26.19 23.23
N HIS D 174 19.00 -27.48 23.60
CA HIS D 174 20.27 -28.15 23.83
C HIS D 174 21.04 -28.24 22.51
N ILE D 175 20.36 -28.56 21.40
CA ILE D 175 21.02 -28.90 20.13
C ILE D 175 21.68 -27.66 19.53
N ILE D 176 21.20 -26.48 19.90
CA ILE D 176 21.67 -25.29 19.22
C ILE D 176 22.47 -24.42 20.18
N LYS D 177 22.96 -24.98 21.29
CA LYS D 177 23.87 -24.26 22.18
C LYS D 177 25.25 -24.22 21.54
N ARG D 178 26.03 -23.17 21.87
CA ARG D 178 27.35 -22.98 21.28
C ARG D 178 27.21 -22.84 19.75
N MET D 179 26.23 -22.06 19.30
CA MET D 179 26.07 -21.70 17.90
C MET D 179 25.46 -20.31 17.90
N ALA D 180 26.29 -19.32 17.57
CA ALA D 180 25.92 -17.92 17.59
C ALA D 180 24.79 -17.66 16.59
N PRO D 181 23.74 -16.92 17.00
CA PRO D 181 22.61 -16.64 16.11
C PRO D 181 23.00 -16.55 14.63
N SER D 182 24.09 -15.83 14.37
CA SER D 182 24.41 -15.25 13.08
C SER D 182 24.68 -16.32 12.02
N ILE D 183 25.13 -17.51 12.45
CA ILE D 183 25.57 -18.53 11.52
C ILE D 183 24.36 -19.35 11.08
N MET D 184 23.61 -19.82 12.09
CA MET D 184 22.31 -20.42 11.94
C MET D 184 21.51 -19.66 10.88
N LYS D 185 21.54 -18.32 10.95
CA LYS D 185 20.82 -17.43 10.05
C LYS D 185 21.53 -17.27 8.71
N SER D 186 22.84 -17.57 8.63
CA SER D 186 23.58 -17.39 7.40
C SER D 186 23.74 -18.68 6.60
N LEU D 187 24.19 -19.77 7.25
CA LEU D 187 24.74 -20.91 6.52
C LEU D 187 23.68 -21.99 6.29
N MET D 188 22.55 -21.90 7.01
CA MET D 188 21.62 -23.00 7.17
C MET D 188 20.80 -23.22 5.90
N ASP D 189 20.91 -24.44 5.34
CA ASP D 189 20.17 -24.92 4.17
C ASP D 189 18.64 -24.83 4.35
N HIS D 190 17.96 -24.13 3.43
CA HIS D 190 16.52 -23.92 3.43
C HIS D 190 15.97 -24.26 2.04
N THR D 191 16.76 -24.97 1.24
CA THR D 191 16.45 -25.19 -0.17
C THR D 191 15.31 -26.19 -0.32
N ILE D 192 14.58 -26.09 -1.42
CA ILE D 192 13.55 -27.07 -1.75
C ILE D 192 13.92 -27.76 -3.05
N PRO D 193 13.38 -28.99 -3.29
CA PRO D 193 13.65 -29.71 -4.54
C PRO D 193 13.13 -28.95 -5.76
N GLU D 194 11.98 -28.29 -5.66
CA GLU D 194 11.37 -27.59 -6.78
C GLU D 194 10.23 -26.71 -6.23
N VAL D 195 9.72 -25.79 -7.06
CA VAL D 195 8.66 -24.89 -6.64
C VAL D 195 7.39 -25.20 -7.44
C1 EDO E . -9.06 4.99 4.29
O1 EDO E . -8.42 4.13 3.35
C2 EDO E . -9.43 6.30 3.70
O2 EDO E . -10.16 6.17 2.48
N1 YEZ F . 26.77 6.10 -7.08
C4 YEZ F . 31.18 4.34 -7.36
C5 YEZ F . 32.45 3.94 -6.97
C6 YEZ F . 32.98 4.36 -5.75
C7 YEZ F . 32.26 5.21 -4.92
C8 YEZ F . 30.99 5.59 -5.32
O YEZ F . 27.45 7.62 -3.94
C YEZ F . 27.66 6.99 -4.96
C9 YEZ F . 28.92 6.37 -5.35
C2 YEZ F . 29.07 5.68 -6.52
C1 YEZ F . 27.93 5.59 -7.36
N YEZ F . 26.68 6.78 -5.89
O1 YEZ F . 30.08 6.33 -4.59
C3 YEZ F . 30.43 5.17 -6.52
C1 EDO G . 28.53 33.66 -11.80
O1 EDO G . 27.60 32.62 -11.95
C2 EDO G . 27.91 34.98 -11.61
O2 EDO G . 27.00 35.31 -12.62
C1 EDO H . 23.20 11.56 -13.82
O1 EDO H . 24.39 11.03 -13.25
C2 EDO H . 23.31 11.87 -15.29
O2 EDO H . 24.10 13.00 -15.62
N DGL I . 17.85 35.67 -4.93
CA DGL I . 18.53 34.34 -4.98
C DGL I . 17.84 33.44 -6.02
O DGL I . 16.64 33.72 -6.33
CB DGL I . 20.03 34.54 -5.27
CG DGL I . 20.31 35.32 -6.54
CD DGL I . 21.74 35.20 -7.06
OE1 DGL I . 22.67 35.74 -6.41
OE2 DGL I . 21.90 34.56 -8.10
OXT DGL I . 18.52 32.47 -6.49
C1 EDO J . -30.98 -9.06 8.18
O1 EDO J . -30.21 -9.21 6.98
C2 EDO J . -30.53 -10.02 9.21
O2 EDO J . -29.43 -10.77 8.73
C1 EDO K . -15.82 7.68 11.65
O1 EDO K . -17.16 7.23 11.63
C2 EDO K . -15.69 9.09 11.24
O2 EDO K . -16.43 10.00 12.06
C1 EDO L . -18.88 5.56 2.31
O1 EDO L . -19.00 4.39 1.49
C2 EDO L . -20.13 6.00 2.97
O2 EDO L . -20.57 7.32 2.67
N GLY M . -21.32 11.64 21.82
CA GLY M . -20.99 10.36 22.46
C GLY M . -22.08 9.31 22.24
O GLY M . -23.20 9.52 22.75
OXT GLY M . -21.78 8.31 21.56
C1 EDO N . 16.60 -29.84 3.23
O1 EDO N . 15.63 -30.54 3.98
C2 EDO N . 16.70 -28.43 3.71
O2 EDO N . 15.47 -27.75 3.71
C1 EDO O . 19.15 -33.55 27.59
O1 EDO O . 20.53 -33.78 27.43
C2 EDO O . 18.57 -32.67 26.53
O2 EDO O . 18.55 -33.25 25.23
S SO4 P . -7.76 -32.79 9.19
O1 SO4 P . -8.71 -33.28 10.15
O2 SO4 P . -7.64 -31.37 9.32
O3 SO4 P . -6.48 -33.42 9.43
O4 SO4 P . -8.21 -33.10 7.85
S SO4 Q . 10.44 -13.66 15.13
O1 SO4 Q . 10.86 -12.68 16.10
O2 SO4 Q . 9.00 -13.62 15.01
O3 SO4 Q . 10.90 -14.96 15.56
O4 SO4 Q . 11.03 -13.36 13.84
N DGL R . 31.14 -30.84 26.28
CA DGL R . 30.07 -30.03 25.63
C DGL R . 30.03 -30.36 24.13
O DGL R . 29.21 -29.70 23.42
CB DGL R . 28.74 -30.22 26.35
CG DGL R . 28.21 -31.66 26.36
CD DGL R . 26.75 -31.88 25.94
OE1 DGL R . 26.05 -30.88 25.69
OE2 DGL R . 26.32 -33.06 25.88
OXT DGL R . 30.84 -31.26 23.72
N GLY S . 29.69 -36.95 26.78
CA GLY S . 30.85 -36.89 25.88
C GLY S . 31.38 -35.48 25.72
O GLY S . 30.52 -34.56 25.65
OXT GLY S . 32.61 -35.33 25.65
#